data_2PYG
#
_entry.id   2PYG
#
_cell.length_a   173.953
_cell.length_b   121.346
_cell.length_c   44.715
_cell.angle_alpha   90.00
_cell.angle_beta   90.00
_cell.angle_gamma   90.00
#
_symmetry.space_group_name_H-M   'P 21 21 2'
#
loop_
_entity.id
_entity.type
_entity.pdbx_description
1 polymer 'Poly(beta-D-mannuronate) C5 epimerase 4'
2 non-polymer 'CALCIUM ION'
3 non-polymer GLYCEROL
4 water water
#
_entity_poly.entity_id   1
_entity_poly.type   'polypeptide(L)'
_entity_poly.pdbx_seq_one_letter_code
;MDYNVKDFGALGDGVSDDRASIQAAIDAAYAAGGGTVYLPAGEYRVSAAGEPGDGCLMLKDGVYLAGAGMGETVIKLIDG
SDQKITGMVRSAYGEETSNFGMRDLTLDGNRDNTSGKVDGWFNGYIPGGDGADRDVTIERVEVREMSGYGFDPHEQTINL
TIRDSVAHDNGLDGFVADYLVDSVFENNVAYANDRHGFNVVTSTHDFVMTNNVAYGNGSSGLVVQRGLEDLALPSNILID
GGAYYDNAREGVLLKMTSDITLQNADIHGNGSSGVRVYGAQDVQILDNQIHDNAQAAAVPEVLLQSFDDTAGASGTYYTT
LNTRIEGNTISGSANSTYGIQERNDGTDYSSLIDNDIAGVQQPIQLYGPHSTVSGEP
;
_entity_poly.pdbx_strand_id   A,B
#
loop_
_chem_comp.id
_chem_comp.type
_chem_comp.name
_chem_comp.formula
CA non-polymer 'CALCIUM ION' 'Ca 2'
GOL non-polymer GLYCEROL 'C3 H8 O3'
#
# COMPACT_ATOMS: atom_id res chain seq x y z
N ASP A 2 -45.97 -14.80 38.53
CA ASP A 2 -46.77 -14.70 37.32
C ASP A 2 -48.14 -14.06 37.54
N TYR A 3 -48.46 -13.08 36.69
CA TYR A 3 -49.72 -12.36 36.83
C TYR A 3 -50.32 -12.07 35.44
N ASN A 4 -51.62 -12.31 35.32
CA ASN A 4 -52.37 -12.03 34.10
C ASN A 4 -52.95 -10.64 34.30
N VAL A 5 -52.56 -9.70 33.46
CA VAL A 5 -53.02 -8.31 33.59
C VAL A 5 -54.53 -8.21 33.75
N LYS A 6 -55.28 -9.13 33.15
CA LYS A 6 -56.72 -9.09 33.27
C LYS A 6 -57.19 -9.33 34.70
N ASP A 7 -56.35 -9.96 35.51
CA ASP A 7 -56.70 -10.17 36.91
C ASP A 7 -56.55 -8.85 37.65
N PHE A 8 -55.97 -7.86 36.97
CA PHE A 8 -55.79 -6.55 37.58
C PHE A 8 -56.67 -5.50 36.92
N GLY A 9 -57.63 -5.95 36.11
CA GLY A 9 -58.54 -5.02 35.47
C GLY A 9 -58.27 -4.67 34.02
N ALA A 10 -57.24 -5.26 33.42
CA ALA A 10 -56.93 -4.96 32.03
C ALA A 10 -57.99 -5.58 31.13
N LEU A 11 -58.55 -4.77 30.23
CA LEU A 11 -59.58 -5.26 29.33
C LEU A 11 -59.03 -5.71 27.98
N GLY A 12 -58.08 -4.93 27.45
CA GLY A 12 -57.50 -5.27 26.16
C GLY A 12 -58.57 -5.27 25.09
N ASP A 13 -59.42 -4.25 25.11
CA ASP A 13 -60.53 -4.15 24.16
C ASP A 13 -60.28 -3.13 23.06
N GLY A 14 -59.03 -2.71 22.91
CA GLY A 14 -58.70 -1.74 21.88
C GLY A 14 -59.33 -0.38 22.09
N VAL A 15 -59.74 -0.10 23.33
CA VAL A 15 -60.38 1.18 23.64
C VAL A 15 -60.05 1.65 25.05
N SER A 16 -60.26 0.77 26.02
CA SER A 16 -60.00 1.11 27.42
C SER A 16 -58.52 1.33 27.71
N ASP A 17 -58.24 2.25 28.62
CA ASP A 17 -56.87 2.56 29.00
C ASP A 17 -56.43 1.55 30.06
N ASP A 18 -55.70 0.53 29.65
CA ASP A 18 -55.24 -0.50 30.58
C ASP A 18 -53.94 -0.19 31.33
N ARG A 19 -53.43 1.03 31.18
CA ARG A 19 -52.19 1.39 31.84
C ARG A 19 -52.12 1.00 33.32
N ALA A 20 -53.00 1.61 34.12
CA ALA A 20 -53.01 1.36 35.55
C ALA A 20 -53.05 -0.14 35.86
N SER A 21 -53.94 -0.86 35.19
CA SER A 21 -54.06 -2.30 35.41
C SER A 21 -52.72 -3.00 35.17
N ILE A 22 -52.16 -2.80 33.97
CA ILE A 22 -50.91 -3.43 33.62
C ILE A 22 -49.81 -3.04 34.60
N GLN A 23 -49.77 -1.75 34.96
CA GLN A 23 -48.76 -1.28 35.89
C GLN A 23 -48.94 -1.93 37.27
N ALA A 24 -50.19 -2.18 37.65
CA ALA A 24 -50.48 -2.82 38.93
C ALA A 24 -49.91 -4.24 38.92
N ALA A 25 -50.10 -4.94 37.81
CA ALA A 25 -49.59 -6.30 37.68
C ALA A 25 -48.06 -6.30 37.74
N ILE A 26 -47.43 -5.28 37.13
CA ILE A 26 -45.99 -5.19 37.13
C ILE A 26 -45.51 -4.97 38.56
N ASP A 27 -46.21 -4.10 39.27
CA ASP A 27 -45.84 -3.78 40.65
C ASP A 27 -45.99 -4.99 41.56
N ALA A 28 -46.99 -5.82 41.28
CA ALA A 28 -47.20 -7.04 42.08
C ALA A 28 -46.02 -7.99 41.87
N ALA A 29 -45.67 -8.21 40.60
CA ALA A 29 -44.56 -9.08 40.26
C ALA A 29 -43.29 -8.57 40.94
N TYR A 30 -43.07 -7.27 40.86
CA TYR A 30 -41.91 -6.65 41.46
C TYR A 30 -41.86 -6.97 42.95
N ALA A 31 -42.96 -6.71 43.65
CA ALA A 31 -43.06 -6.98 45.08
C ALA A 31 -42.81 -8.45 45.40
N ALA A 32 -43.23 -9.34 44.50
CA ALA A 32 -43.04 -10.77 44.69
C ALA A 32 -41.61 -11.15 44.40
N GLY A 33 -40.76 -10.15 44.21
CA GLY A 33 -39.34 -10.39 43.94
C GLY A 33 -39.05 -10.73 42.50
N GLY A 34 -40.03 -10.51 41.62
CA GLY A 34 -39.84 -10.80 40.21
C GLY A 34 -40.82 -11.81 39.69
N GLY A 35 -41.09 -11.77 38.38
CA GLY A 35 -42.02 -12.69 37.78
C GLY A 35 -42.45 -12.24 36.39
N THR A 36 -43.26 -13.04 35.73
CA THR A 36 -43.75 -12.69 34.39
C THR A 36 -45.16 -12.12 34.38
N VAL A 37 -45.32 -11.00 33.69
CA VAL A 37 -46.62 -10.37 33.55
C VAL A 37 -47.13 -10.73 32.16
N TYR A 38 -48.19 -11.52 32.12
CA TYR A 38 -48.75 -12.01 30.86
C TYR A 38 -49.97 -11.21 30.40
N LEU A 39 -50.04 -10.98 29.10
CA LEU A 39 -51.15 -10.25 28.50
C LEU A 39 -51.75 -11.12 27.40
N PRO A 40 -52.94 -11.68 27.63
CA PRO A 40 -53.58 -12.52 26.61
C PRO A 40 -53.77 -11.72 25.32
N ALA A 41 -54.03 -12.44 24.22
CA ALA A 41 -54.24 -11.79 22.92
C ALA A 41 -55.21 -10.62 23.03
N GLY A 42 -54.99 -9.60 22.21
CA GLY A 42 -55.84 -8.43 22.22
C GLY A 42 -55.04 -7.14 22.11
N GLU A 43 -55.74 -6.03 21.93
CA GLU A 43 -55.12 -4.73 21.82
C GLU A 43 -55.33 -3.98 23.13
N TYR A 44 -54.24 -3.67 23.82
CA TYR A 44 -54.33 -2.96 25.09
C TYR A 44 -53.90 -1.50 24.88
N ARG A 45 -54.85 -0.58 25.03
CA ARG A 45 -54.53 0.83 24.88
C ARG A 45 -53.90 1.33 26.17
N VAL A 46 -52.98 2.29 26.04
CA VAL A 46 -52.33 2.87 27.19
C VAL A 46 -52.10 4.36 26.95
N SER A 47 -52.04 5.13 28.03
CA SER A 47 -51.79 6.55 27.94
C SER A 47 -50.45 6.84 28.62
N ALA A 48 -49.94 8.06 28.44
CA ALA A 48 -48.70 8.44 29.09
C ALA A 48 -48.90 8.34 30.60
N ALA A 49 -47.91 7.81 31.31
CA ALA A 49 -48.02 7.67 32.76
C ALA A 49 -47.87 9.02 33.47
N GLY A 50 -47.22 9.98 32.80
CA GLY A 50 -47.04 11.30 33.38
C GLY A 50 -46.07 12.14 32.59
N GLU A 51 -44.87 12.36 33.13
CA GLU A 51 -43.85 13.13 32.42
C GLU A 51 -43.22 12.21 31.38
N PRO A 52 -42.47 12.79 30.41
CA PRO A 52 -41.84 11.98 29.37
C PRO A 52 -41.05 10.80 29.96
N GLY A 53 -40.29 11.07 31.02
CA GLY A 53 -39.49 10.04 31.64
C GLY A 53 -40.27 8.90 32.30
N ASP A 54 -41.59 9.06 32.43
CA ASP A 54 -42.42 8.04 33.04
C ASP A 54 -42.95 7.03 32.01
N GLY A 55 -42.80 7.37 30.73
CA GLY A 55 -43.25 6.48 29.68
C GLY A 55 -44.70 6.08 29.86
N CYS A 56 -45.03 4.83 29.50
CA CYS A 56 -46.38 4.33 29.68
C CYS A 56 -46.38 3.24 30.74
N LEU A 57 -45.48 2.27 30.59
CA LEU A 57 -45.36 1.17 31.54
C LEU A 57 -43.92 1.13 32.06
N MET A 58 -43.78 1.09 33.39
CA MET A 58 -42.47 1.12 34.04
C MET A 58 -42.06 -0.25 34.55
N LEU A 59 -41.21 -0.94 33.82
CA LEU A 59 -40.72 -2.25 34.28
C LEU A 59 -39.76 -2.04 35.43
N LYS A 60 -39.57 -3.10 36.23
CA LYS A 60 -38.71 -3.04 37.41
C LYS A 60 -37.97 -4.36 37.60
N ASP A 61 -37.02 -4.39 38.53
CA ASP A 61 -36.22 -5.59 38.75
C ASP A 61 -37.01 -6.89 38.72
N GLY A 62 -36.47 -7.88 38.01
CA GLY A 62 -37.09 -9.19 37.93
C GLY A 62 -38.40 -9.33 37.19
N VAL A 63 -38.93 -8.24 36.63
CA VAL A 63 -40.21 -8.34 35.93
C VAL A 63 -40.08 -8.40 34.41
N TYR A 64 -40.82 -9.33 33.81
CA TYR A 64 -40.83 -9.48 32.36
C TYR A 64 -42.26 -9.44 31.83
N LEU A 65 -42.44 -8.84 30.66
CA LEU A 65 -43.74 -8.79 30.01
C LEU A 65 -43.78 -9.91 28.99
N ALA A 66 -44.93 -10.56 28.86
CA ALA A 66 -45.09 -11.63 27.90
C ALA A 66 -46.46 -11.57 27.27
N GLY A 67 -46.51 -11.55 25.95
CA GLY A 67 -47.79 -11.52 25.25
C GLY A 67 -48.09 -12.85 24.60
N ALA A 68 -49.15 -12.91 23.80
CA ALA A 68 -49.51 -14.16 23.14
C ALA A 68 -48.80 -14.26 21.80
N GLY A 69 -47.82 -13.39 21.58
CA GLY A 69 -47.07 -13.41 20.33
C GLY A 69 -47.18 -12.08 19.60
N MET A 70 -46.17 -11.76 18.78
CA MET A 70 -46.18 -10.51 18.02
C MET A 70 -47.45 -10.43 17.19
N GLY A 71 -48.07 -9.25 17.16
CA GLY A 71 -49.30 -9.09 16.41
C GLY A 71 -50.51 -9.65 17.12
N GLU A 72 -50.31 -10.62 18.02
CA GLU A 72 -51.42 -11.21 18.77
C GLU A 72 -51.74 -10.33 19.97
N THR A 73 -50.69 -9.97 20.71
CA THR A 73 -50.83 -9.06 21.84
C THR A 73 -50.27 -7.73 21.36
N VAL A 74 -51.07 -6.68 21.45
CA VAL A 74 -50.63 -5.37 20.99
C VAL A 74 -50.89 -4.27 22.01
N ILE A 75 -49.83 -3.59 22.42
CA ILE A 75 -49.97 -2.48 23.34
C ILE A 75 -49.85 -1.23 22.47
N LYS A 76 -50.92 -0.45 22.42
CA LYS A 76 -50.96 0.72 21.55
C LYS A 76 -51.34 2.01 22.27
N LEU A 77 -50.65 3.09 21.91
CA LEU A 77 -50.90 4.40 22.50
C LEU A 77 -52.30 4.90 22.15
N ILE A 78 -52.99 5.49 23.12
CA ILE A 78 -54.35 5.98 22.87
C ILE A 78 -54.39 7.11 21.85
N ASP A 79 -55.47 7.15 21.06
CA ASP A 79 -55.61 8.20 20.08
C ASP A 79 -55.67 9.53 20.82
N GLY A 80 -55.15 10.58 20.22
CA GLY A 80 -55.21 11.89 20.84
C GLY A 80 -54.06 12.22 21.76
N SER A 81 -53.27 11.21 22.14
CA SER A 81 -52.13 11.46 22.98
C SER A 81 -51.28 12.53 22.30
N ASP A 82 -50.86 13.54 23.05
CA ASP A 82 -50.06 14.60 22.46
C ASP A 82 -48.95 15.12 23.37
N GLN A 83 -48.13 14.19 23.84
CA GLN A 83 -47.01 14.56 24.69
C GLN A 83 -45.85 13.60 24.46
N LYS A 84 -44.66 14.04 24.83
CA LYS A 84 -43.45 13.25 24.68
C LYS A 84 -43.49 12.06 25.63
N ILE A 85 -43.29 10.86 25.09
CA ILE A 85 -43.28 9.63 25.89
C ILE A 85 -41.97 8.90 25.62
N THR A 86 -41.04 8.98 26.56
CA THR A 86 -39.75 8.34 26.36
C THR A 86 -39.79 6.85 26.75
N GLY A 87 -40.40 6.06 25.88
CA GLY A 87 -40.49 4.62 26.10
C GLY A 87 -41.84 4.16 26.60
N MET A 88 -42.67 3.64 25.70
CA MET A 88 -43.97 3.14 26.11
C MET A 88 -43.76 2.07 27.18
N VAL A 89 -42.64 1.38 27.08
CA VAL A 89 -42.22 0.40 28.07
C VAL A 89 -40.78 0.79 28.40
N ARG A 90 -40.49 0.97 29.68
CA ARG A 90 -39.15 1.41 30.07
C ARG A 90 -38.76 1.10 31.52
N SER A 91 -37.53 1.49 31.86
CA SER A 91 -37.01 1.33 33.21
C SER A 91 -36.79 2.73 33.75
N ALA A 92 -36.73 2.85 35.06
CA ALA A 92 -36.61 4.15 35.71
C ALA A 92 -35.28 4.88 35.54
N TYR A 93 -35.36 6.15 35.18
CA TYR A 93 -34.17 6.99 35.07
C TYR A 93 -33.53 7.02 36.45
N GLY A 94 -32.21 7.13 36.51
CA GLY A 94 -31.53 7.21 37.80
C GLY A 94 -31.60 6.00 38.70
N GLU A 95 -32.07 4.87 38.18
CA GLU A 95 -32.11 3.63 38.97
C GLU A 95 -31.44 2.55 38.15
N GLU A 96 -30.57 1.77 38.77
CA GLU A 96 -29.91 0.68 38.07
C GLU A 96 -30.86 -0.52 38.12
N THR A 97 -31.64 -0.70 37.06
CA THR A 97 -32.60 -1.79 36.99
C THR A 97 -31.94 -3.03 36.42
N SER A 98 -32.28 -4.19 36.96
CA SER A 98 -31.66 -5.45 36.54
C SER A 98 -32.65 -6.59 36.31
N ASN A 99 -32.27 -7.52 35.45
CA ASN A 99 -33.06 -8.72 35.23
C ASN A 99 -34.51 -8.44 34.85
N PHE A 100 -34.72 -7.92 33.64
CA PHE A 100 -36.06 -7.59 33.17
C PHE A 100 -36.11 -7.60 31.64
N GLY A 101 -37.31 -7.44 31.08
CA GLY A 101 -37.46 -7.45 29.64
C GLY A 101 -38.88 -7.72 29.18
N MET A 102 -39.03 -8.12 27.92
CA MET A 102 -40.34 -8.42 27.36
C MET A 102 -40.25 -9.34 26.14
N ARG A 103 -41.34 -10.02 25.83
CA ARG A 103 -41.35 -10.93 24.70
C ARG A 103 -42.73 -11.19 24.12
N ASP A 104 -42.74 -11.68 22.89
CA ASP A 104 -43.96 -12.08 22.18
C ASP A 104 -45.12 -11.11 22.24
N LEU A 105 -44.88 -9.88 21.78
CA LEU A 105 -45.93 -8.85 21.77
C LEU A 105 -45.54 -7.73 20.81
N THR A 106 -46.43 -6.75 20.68
CA THR A 106 -46.20 -5.63 19.79
C THR A 106 -46.48 -4.31 20.46
N LEU A 107 -45.58 -3.35 20.25
CA LEU A 107 -45.77 -2.01 20.78
C LEU A 107 -46.08 -1.14 19.56
N ASP A 108 -47.23 -0.47 19.62
CA ASP A 108 -47.70 0.36 18.51
C ASP A 108 -47.78 1.80 18.97
N GLY A 109 -46.95 2.66 18.38
CA GLY A 109 -46.93 4.05 18.76
C GLY A 109 -48.06 4.92 18.26
N ASN A 110 -48.89 4.38 17.37
CA ASN A 110 -50.05 5.11 16.84
C ASN A 110 -49.70 6.56 16.50
N ARG A 111 -48.61 6.77 15.77
CA ARG A 111 -48.20 8.12 15.43
C ARG A 111 -49.15 8.83 14.45
N ASP A 112 -49.94 8.07 13.70
CA ASP A 112 -50.90 8.68 12.78
C ASP A 112 -51.98 9.44 13.54
N ASN A 113 -52.25 9.00 14.77
CA ASN A 113 -53.31 9.61 15.58
C ASN A 113 -52.86 10.27 16.87
N THR A 114 -51.57 10.61 16.94
CA THR A 114 -51.03 11.25 18.14
C THR A 114 -49.94 12.23 17.74
N SER A 115 -49.49 13.03 18.70
CA SER A 115 -48.41 13.97 18.45
C SER A 115 -47.41 13.85 19.59
N GLY A 116 -46.22 14.38 19.40
CA GLY A 116 -45.20 14.28 20.43
C GLY A 116 -44.24 13.13 20.13
N LYS A 117 -42.98 13.28 20.53
CA LYS A 117 -41.98 12.25 20.29
C LYS A 117 -42.22 11.04 21.20
N VAL A 118 -42.52 9.89 20.58
CA VAL A 118 -42.80 8.67 21.30
C VAL A 118 -41.84 7.56 20.91
N ASP A 119 -41.16 7.00 21.91
CA ASP A 119 -40.22 5.90 21.65
C ASP A 119 -40.81 4.59 22.18
N GLY A 120 -40.68 3.52 21.39
CA GLY A 120 -41.24 2.24 21.80
C GLY A 120 -40.64 1.71 23.10
N TRP A 121 -39.35 1.41 23.07
CA TRP A 121 -38.66 0.91 24.26
C TRP A 121 -37.51 1.82 24.65
N PHE A 122 -37.35 2.03 25.95
CA PHE A 122 -36.26 2.81 26.48
C PHE A 122 -35.85 2.26 27.83
N ASN A 123 -34.54 2.27 28.11
CA ASN A 123 -34.03 1.81 29.40
C ASN A 123 -32.61 2.32 29.55
N GLY A 124 -32.17 2.48 30.79
CA GLY A 124 -30.82 2.97 31.03
C GLY A 124 -30.74 3.57 32.42
N TYR A 125 -29.61 4.16 32.76
CA TYR A 125 -29.43 4.73 34.09
C TYR A 125 -29.44 6.25 34.02
N ILE A 126 -28.27 6.82 33.74
CA ILE A 126 -28.15 8.27 33.65
C ILE A 126 -27.10 8.65 32.60
N PRO A 127 -27.48 9.46 31.61
CA PRO A 127 -26.52 9.88 30.57
C PRO A 127 -25.34 10.56 31.27
N GLY A 128 -24.13 10.06 31.02
CA GLY A 128 -22.96 10.65 31.65
C GLY A 128 -22.84 10.26 33.11
N GLY A 129 -23.77 9.44 33.60
CA GLY A 129 -23.74 9.05 35.00
C GLY A 129 -23.11 7.68 35.23
N ASP A 130 -22.66 7.46 36.45
CA ASP A 130 -22.00 6.20 36.83
C ASP A 130 -23.03 5.14 37.28
N GLY A 131 -23.39 4.25 36.37
CA GLY A 131 -24.35 3.20 36.67
C GLY A 131 -24.96 2.63 35.41
N ALA A 132 -25.68 1.52 35.54
CA ALA A 132 -26.27 0.89 34.37
C ALA A 132 -27.35 -0.13 34.65
N ASP A 133 -28.19 -0.38 33.65
CA ASP A 133 -29.19 -1.44 33.75
C ASP A 133 -28.38 -2.65 33.36
N ARG A 134 -28.79 -3.81 33.87
CA ARG A 134 -28.05 -5.03 33.60
C ARG A 134 -29.00 -6.21 33.38
N ASP A 135 -28.56 -7.13 32.54
CA ASP A 135 -29.31 -8.37 32.34
C ASP A 135 -30.71 -8.12 31.78
N VAL A 136 -30.77 -7.61 30.56
CA VAL A 136 -32.04 -7.31 29.92
C VAL A 136 -32.25 -8.18 28.68
N THR A 137 -33.43 -8.78 28.57
CA THR A 137 -33.71 -9.68 27.46
C THR A 137 -35.02 -9.35 26.76
N ILE A 138 -34.92 -9.10 25.46
CA ILE A 138 -36.08 -8.81 24.64
C ILE A 138 -36.09 -9.84 23.53
N GLU A 139 -37.21 -10.57 23.41
CA GLU A 139 -37.32 -11.62 22.41
C GLU A 139 -38.62 -11.58 21.65
N ARG A 140 -38.53 -11.67 20.33
CA ARG A 140 -39.71 -11.73 19.49
C ARG A 140 -40.72 -10.62 19.82
N VAL A 141 -40.25 -9.37 19.74
CA VAL A 141 -41.11 -8.23 19.97
C VAL A 141 -41.08 -7.34 18.72
N GLU A 142 -42.23 -6.78 18.38
CA GLU A 142 -42.37 -5.90 17.23
C GLU A 142 -42.69 -4.50 17.73
N VAL A 143 -41.94 -3.51 17.25
CA VAL A 143 -42.18 -2.11 17.58
C VAL A 143 -42.46 -1.37 16.29
N ARG A 144 -43.56 -0.66 16.23
CA ARG A 144 -43.96 0.01 15.01
C ARG A 144 -44.76 1.28 15.26
N GLU A 145 -44.80 2.14 14.25
CA GLU A 145 -45.57 3.38 14.30
C GLU A 145 -45.20 4.35 15.42
N MET A 146 -43.95 4.28 15.90
CA MET A 146 -43.48 5.24 16.91
C MET A 146 -43.07 6.52 16.17
N SER A 147 -43.42 7.68 16.73
CA SER A 147 -43.03 8.92 16.09
C SER A 147 -41.53 9.11 16.27
N GLY A 148 -40.98 8.47 17.30
CA GLY A 148 -39.55 8.55 17.57
C GLY A 148 -38.79 7.29 17.23
N TYR A 149 -38.03 6.77 18.19
CA TYR A 149 -37.26 5.54 18.01
C TYR A 149 -38.10 4.29 18.24
N GLY A 150 -37.65 3.17 17.68
CA GLY A 150 -38.34 1.90 17.88
C GLY A 150 -37.82 1.34 19.20
N PHE A 151 -36.69 0.63 19.14
CA PHE A 151 -36.06 0.09 20.35
C PHE A 151 -34.94 1.05 20.73
N ASP A 152 -34.99 1.62 21.93
CA ASP A 152 -33.97 2.58 22.32
C ASP A 152 -33.22 2.23 23.62
N PRO A 153 -32.61 1.03 23.70
CA PRO A 153 -31.88 0.70 24.93
C PRO A 153 -30.81 1.78 25.08
N HIS A 154 -30.64 2.31 26.28
CA HIS A 154 -29.81 3.49 26.50
C HIS A 154 -28.71 3.41 27.56
N GLU A 155 -27.93 4.48 27.64
CA GLU A 155 -26.81 4.62 28.58
C GLU A 155 -27.22 4.53 30.06
N GLN A 156 -26.71 3.53 30.78
CA GLN A 156 -25.82 2.51 30.27
C GLN A 156 -26.60 1.20 30.42
N THR A 157 -26.34 0.25 29.53
CA THR A 157 -26.97 -1.06 29.63
C THR A 157 -25.93 -2.14 29.37
N ILE A 158 -25.74 -3.00 30.36
CA ILE A 158 -24.76 -4.08 30.29
C ILE A 158 -25.47 -5.42 30.11
N ASN A 159 -24.96 -6.23 29.20
CA ASN A 159 -25.52 -7.56 28.98
C ASN A 159 -27.00 -7.50 28.60
N LEU A 160 -27.28 -6.76 27.54
CA LEU A 160 -28.62 -6.68 27.00
C LEU A 160 -28.66 -7.66 25.84
N THR A 161 -29.82 -8.27 25.62
CA THR A 161 -29.99 -9.16 24.49
C THR A 161 -31.32 -8.84 23.82
N ILE A 162 -31.27 -8.56 22.52
CA ILE A 162 -32.47 -8.33 21.73
C ILE A 162 -32.39 -9.27 20.54
N ARG A 163 -33.34 -10.18 20.43
CA ARG A 163 -33.31 -11.14 19.33
C ARG A 163 -34.66 -11.40 18.69
N ASP A 164 -34.61 -11.90 17.45
CA ASP A 164 -35.80 -12.24 16.70
C ASP A 164 -36.90 -11.20 16.82
N SER A 165 -36.50 -9.93 16.85
CA SER A 165 -37.45 -8.84 16.95
C SER A 165 -37.52 -8.03 15.66
N VAL A 166 -38.51 -7.15 15.59
CA VAL A 166 -38.73 -6.35 14.39
C VAL A 166 -39.11 -4.91 14.75
N ALA A 167 -38.50 -3.96 14.05
CA ALA A 167 -38.85 -2.56 14.24
C ALA A 167 -39.08 -1.96 12.86
N HIS A 168 -40.27 -1.42 12.65
CA HIS A 168 -40.60 -0.84 11.36
C HIS A 168 -41.57 0.33 11.47
N ASP A 169 -41.54 1.19 10.45
CA ASP A 169 -42.43 2.35 10.36
C ASP A 169 -42.36 3.30 11.55
N ASN A 170 -41.16 3.52 12.06
CA ASN A 170 -40.94 4.43 13.17
C ASN A 170 -40.37 5.75 12.66
N GLY A 171 -40.53 6.80 13.46
CA GLY A 171 -40.07 8.13 13.06
C GLY A 171 -38.58 8.32 12.91
N LEU A 172 -37.80 7.65 13.74
CA LEU A 172 -36.35 7.79 13.65
C LEU A 172 -35.68 6.47 13.29
N ASP A 173 -35.00 5.84 14.26
CA ASP A 173 -34.29 4.60 13.99
C ASP A 173 -35.04 3.37 14.50
N GLY A 174 -34.94 2.27 13.76
CA GLY A 174 -35.59 1.04 14.16
C GLY A 174 -34.98 0.54 15.46
N PHE A 175 -33.67 0.37 15.49
CA PHE A 175 -32.97 -0.07 16.70
C PHE A 175 -31.82 0.86 17.03
N VAL A 176 -31.70 1.22 18.30
CA VAL A 176 -30.60 2.05 18.77
C VAL A 176 -29.80 1.31 19.83
N ALA A 177 -28.48 1.46 19.79
CA ALA A 177 -27.61 0.84 20.79
C ALA A 177 -26.84 2.01 21.39
N ASP A 178 -27.45 2.64 22.38
CA ASP A 178 -26.86 3.81 23.02
C ASP A 178 -26.08 3.38 24.27
N TYR A 179 -24.76 3.36 24.15
CA TYR A 179 -23.87 2.95 25.23
C TYR A 179 -24.28 1.59 25.83
N LEU A 180 -24.30 0.57 24.98
CA LEU A 180 -24.58 -0.79 25.41
C LEU A 180 -23.21 -1.42 25.58
N VAL A 181 -23.10 -2.34 26.53
CA VAL A 181 -21.82 -3.02 26.76
C VAL A 181 -22.07 -4.51 26.93
N ASP A 182 -21.17 -5.32 26.39
CA ASP A 182 -21.30 -6.76 26.47
C ASP A 182 -22.74 -7.15 26.22
N SER A 183 -23.24 -6.76 25.05
CA SER A 183 -24.60 -7.04 24.67
C SER A 183 -24.69 -7.64 23.28
N VAL A 184 -25.89 -8.05 22.90
CA VAL A 184 -26.09 -8.69 21.62
C VAL A 184 -27.38 -8.32 20.91
N PHE A 185 -27.29 -8.12 19.60
CA PHE A 185 -28.47 -7.91 18.76
C PHE A 185 -28.39 -9.09 17.80
N GLU A 186 -29.41 -9.92 17.78
CA GLU A 186 -29.37 -11.09 16.92
C GLU A 186 -30.69 -11.43 16.22
N ASN A 187 -30.60 -11.68 14.92
CA ASN A 187 -31.75 -12.03 14.08
C ASN A 187 -32.88 -11.02 14.19
N ASN A 188 -32.54 -9.74 14.13
CA ASN A 188 -33.56 -8.70 14.20
C ASN A 188 -33.77 -8.12 12.81
N VAL A 189 -34.92 -7.48 12.60
CA VAL A 189 -35.22 -6.88 11.31
C VAL A 189 -35.70 -5.44 11.50
N ALA A 190 -35.15 -4.53 10.69
CA ALA A 190 -35.54 -3.13 10.73
C ALA A 190 -35.79 -2.63 9.31
N TYR A 191 -37.01 -2.19 9.05
CA TYR A 191 -37.35 -1.70 7.73
C TYR A 191 -38.41 -0.60 7.79
N ALA A 192 -38.46 0.23 6.76
CA ALA A 192 -39.44 1.30 6.64
C ALA A 192 -39.38 2.37 7.74
N ASN A 193 -38.23 2.51 8.39
CA ASN A 193 -38.06 3.54 9.42
C ASN A 193 -37.59 4.81 8.70
N ASP A 194 -38.05 5.97 9.14
CA ASP A 194 -37.67 7.23 8.50
C ASP A 194 -36.16 7.49 8.47
N ARG A 195 -35.45 7.01 9.48
CA ARG A 195 -34.00 7.22 9.48
C ARG A 195 -33.25 5.88 9.33
N HIS A 196 -32.45 5.51 10.32
CA HIS A 196 -31.63 4.30 10.23
C HIS A 196 -32.35 3.00 10.67
N GLY A 197 -31.89 1.88 10.12
CA GLY A 197 -32.43 0.61 10.55
C GLY A 197 -31.81 0.33 11.91
N PHE A 198 -30.49 0.43 11.99
CA PHE A 198 -29.76 0.21 13.23
C PHE A 198 -28.79 1.37 13.43
N ASN A 199 -28.77 1.94 14.63
CA ASN A 199 -27.89 3.07 14.95
C ASN A 199 -27.16 2.82 16.25
N VAL A 200 -25.89 2.43 16.12
CA VAL A 200 -25.03 2.13 17.28
C VAL A 200 -24.26 3.40 17.61
N VAL A 201 -24.44 3.87 18.84
CA VAL A 201 -23.89 5.17 19.19
C VAL A 201 -23.53 5.33 20.67
N THR A 202 -22.94 6.48 21.00
CA THR A 202 -22.58 6.82 22.36
C THR A 202 -21.72 5.78 23.10
N SER A 203 -20.50 5.58 22.64
CA SER A 203 -19.54 4.74 23.34
C SER A 203 -19.83 3.25 23.44
N THR A 204 -20.84 2.75 22.75
CA THR A 204 -21.16 1.33 22.79
C THR A 204 -19.91 0.49 22.47
N HIS A 205 -19.69 -0.59 23.21
CA HIS A 205 -18.52 -1.43 22.95
C HIS A 205 -18.68 -2.88 23.42
N ASP A 206 -17.88 -3.77 22.83
CA ASP A 206 -17.95 -5.20 23.13
C ASP A 206 -19.40 -5.58 22.88
N PHE A 207 -19.80 -5.32 21.63
CA PHE A 207 -21.16 -5.52 21.18
C PHE A 207 -21.14 -6.40 19.94
N VAL A 208 -22.08 -7.34 19.88
CA VAL A 208 -22.14 -8.24 18.74
C VAL A 208 -23.48 -8.14 18.04
N MET A 209 -23.45 -7.96 16.74
CA MET A 209 -24.66 -7.85 15.93
C MET A 209 -24.65 -9.01 14.94
N THR A 210 -25.43 -10.04 15.24
CA THR A 210 -25.42 -11.24 14.43
C THR A 210 -26.67 -11.44 13.58
N ASN A 211 -26.45 -11.57 12.28
CA ASN A 211 -27.51 -11.85 11.33
C ASN A 211 -28.72 -10.90 11.36
N ASN A 212 -28.46 -9.62 11.61
CA ASN A 212 -29.53 -8.64 11.60
C ASN A 212 -29.80 -8.19 10.17
N VAL A 213 -31.01 -7.74 9.90
CA VAL A 213 -31.40 -7.30 8.57
C VAL A 213 -32.00 -5.90 8.62
N ALA A 214 -31.61 -5.07 7.66
CA ALA A 214 -32.12 -3.71 7.58
C ALA A 214 -32.35 -3.34 6.12
N TYR A 215 -33.58 -3.00 5.77
CA TYR A 215 -33.88 -2.61 4.41
C TYR A 215 -34.98 -1.57 4.36
N GLY A 216 -35.04 -0.84 3.25
CA GLY A 216 -36.09 0.16 3.09
C GLY A 216 -36.11 1.28 4.10
N ASN A 217 -34.97 1.60 4.68
CA ASN A 217 -34.90 2.68 5.66
C ASN A 217 -34.54 4.03 5.03
N GLY A 218 -35.04 5.10 5.66
CA GLY A 218 -34.83 6.46 5.15
C GLY A 218 -33.42 6.99 5.11
N SER A 219 -32.51 6.36 5.85
CA SER A 219 -31.10 6.74 5.82
C SER A 219 -30.25 5.49 5.61
N SER A 220 -29.38 5.19 6.57
CA SER A 220 -28.51 4.02 6.47
C SER A 220 -29.14 2.76 7.07
N GLY A 221 -28.75 1.59 6.55
CA GLY A 221 -29.26 0.35 7.07
C GLY A 221 -28.73 0.14 8.47
N LEU A 222 -27.42 0.25 8.60
CA LEU A 222 -26.76 0.14 9.89
C LEU A 222 -25.66 1.18 9.98
N VAL A 223 -25.66 1.93 11.06
CA VAL A 223 -24.61 2.90 11.28
C VAL A 223 -24.01 2.76 12.67
N VAL A 224 -22.69 2.92 12.75
CA VAL A 224 -21.96 2.92 14.00
C VAL A 224 -21.30 4.30 14.01
N GLN A 225 -21.63 5.11 15.00
CA GLN A 225 -21.10 6.47 15.03
C GLN A 225 -20.92 7.02 16.43
N ARG A 226 -20.00 7.96 16.56
CA ARG A 226 -19.71 8.60 17.84
C ARG A 226 -20.92 9.33 18.38
N GLY A 227 -21.58 10.09 17.51
CA GLY A 227 -22.70 10.89 17.92
C GLY A 227 -22.31 12.36 17.96
N LEU A 228 -23.24 13.22 18.32
CA LEU A 228 -23.01 14.65 18.34
C LEU A 228 -22.00 15.13 19.38
N GLU A 229 -21.89 14.41 20.49
CA GLU A 229 -20.97 14.82 21.55
C GLU A 229 -19.58 14.22 21.46
N ASP A 230 -18.60 14.98 21.96
CA ASP A 230 -17.22 14.54 21.98
C ASP A 230 -17.05 13.53 23.10
N LEU A 231 -17.51 12.31 22.86
CA LEU A 231 -17.44 11.23 23.84
C LEU A 231 -16.61 10.06 23.31
N ALA A 232 -16.22 9.17 24.21
CA ALA A 232 -15.47 8.00 23.84
C ALA A 232 -16.20 7.31 22.68
N LEU A 233 -15.47 7.01 21.61
CA LEU A 233 -16.03 6.39 20.44
C LEU A 233 -16.48 4.96 20.67
N PRO A 234 -17.49 4.51 19.91
CA PRO A 234 -17.95 3.12 20.04
C PRO A 234 -16.80 2.30 19.48
N SER A 235 -16.57 1.10 20.00
CA SER A 235 -15.50 0.27 19.48
C SER A 235 -15.67 -1.19 19.85
N ASN A 236 -14.91 -2.07 19.20
CA ASN A 236 -15.00 -3.49 19.44
C ASN A 236 -16.41 -3.97 19.21
N ILE A 237 -16.82 -3.89 17.95
CA ILE A 237 -18.15 -4.29 17.55
C ILE A 237 -18.04 -5.25 16.38
N LEU A 238 -18.78 -6.35 16.47
CA LEU A 238 -18.76 -7.35 15.42
C LEU A 238 -20.09 -7.40 14.69
N ILE A 239 -20.06 -7.09 13.40
CA ILE A 239 -21.28 -7.16 12.58
C ILE A 239 -21.05 -8.44 11.80
N ASP A 240 -21.75 -9.48 12.21
CA ASP A 240 -21.54 -10.80 11.65
C ASP A 240 -22.77 -11.30 10.89
N GLY A 241 -22.66 -11.30 9.56
CA GLY A 241 -23.74 -11.78 8.73
C GLY A 241 -24.88 -10.80 8.54
N GLY A 242 -26.02 -11.32 8.09
CA GLY A 242 -27.18 -10.47 7.88
C GLY A 242 -27.15 -9.78 6.52
N ALA A 243 -28.06 -8.82 6.34
CA ALA A 243 -28.15 -8.09 5.09
C ALA A 243 -28.61 -6.65 5.33
N TYR A 244 -28.05 -5.74 4.53
CA TYR A 244 -28.36 -4.32 4.63
C TYR A 244 -28.52 -3.86 3.20
N TYR A 245 -29.78 -3.71 2.78
CA TYR A 245 -30.09 -3.41 1.39
C TYR A 245 -31.31 -2.52 1.18
N ASP A 246 -31.33 -1.87 0.01
CA ASP A 246 -32.44 -1.01 -0.38
C ASP A 246 -32.71 0.11 0.61
N ASN A 247 -31.65 0.68 1.18
CA ASN A 247 -31.80 1.81 2.10
C ASN A 247 -31.50 3.09 1.32
N ALA A 248 -32.03 4.20 1.79
CA ALA A 248 -31.86 5.48 1.12
C ALA A 248 -30.39 5.88 0.93
N ARG A 249 -29.58 5.67 1.96
CA ARG A 249 -28.16 6.02 1.89
C ARG A 249 -27.24 4.81 1.83
N GLU A 250 -26.32 4.71 2.80
CA GLU A 250 -25.38 3.60 2.85
C GLU A 250 -26.01 2.36 3.47
N GLY A 251 -25.47 1.20 3.12
CA GLY A 251 -25.94 -0.03 3.71
C GLY A 251 -25.37 -0.05 5.12
N VAL A 252 -24.07 0.20 5.21
CA VAL A 252 -23.35 0.23 6.48
C VAL A 252 -22.45 1.45 6.51
N LEU A 253 -22.63 2.28 7.54
CA LEU A 253 -21.83 3.49 7.72
C LEU A 253 -21.08 3.41 9.03
N LEU A 254 -19.76 3.60 8.98
CA LEU A 254 -18.95 3.57 10.20
C LEU A 254 -18.28 4.95 10.32
N LYS A 255 -18.75 5.75 11.27
CA LYS A 255 -18.29 7.12 11.41
C LYS A 255 -17.76 7.48 12.80
N MET A 256 -16.52 7.98 12.85
CA MET A 256 -15.87 8.33 14.11
C MET A 256 -15.98 7.15 15.08
N THR A 257 -15.40 6.02 14.70
CA THR A 257 -15.42 4.80 15.50
C THR A 257 -14.14 4.01 15.22
N SER A 258 -13.97 2.88 15.89
CA SER A 258 -12.78 2.05 15.66
C SER A 258 -13.00 0.60 16.05
N ASP A 259 -12.08 -0.27 15.65
CA ASP A 259 -12.15 -1.69 15.95
C ASP A 259 -13.51 -2.29 15.64
N ILE A 260 -13.91 -2.21 14.39
CA ILE A 260 -15.18 -2.75 13.94
C ILE A 260 -14.86 -3.83 12.91
N THR A 261 -15.58 -4.94 12.97
CA THR A 261 -15.43 -5.99 11.98
C THR A 261 -16.77 -6.24 11.31
N LEU A 262 -16.82 -6.07 10.00
CA LEU A 262 -18.03 -6.31 9.22
C LEU A 262 -17.72 -7.53 8.36
N GLN A 263 -18.43 -8.63 8.59
CA GLN A 263 -18.17 -9.86 7.83
C GLN A 263 -19.39 -10.66 7.45
N ASN A 264 -19.23 -11.43 6.36
CA ASN A 264 -20.26 -12.34 5.88
C ASN A 264 -21.63 -11.73 5.70
N ALA A 265 -21.68 -10.50 5.22
CA ALA A 265 -22.96 -9.83 5.06
C ALA A 265 -23.26 -9.58 3.59
N ASP A 266 -24.54 -9.45 3.26
CA ASP A 266 -24.95 -9.14 1.91
C ASP A 266 -25.40 -7.69 1.90
N ILE A 267 -24.77 -6.87 1.08
CA ILE A 267 -25.10 -5.45 1.02
C ILE A 267 -25.38 -5.03 -0.41
N HIS A 268 -26.64 -4.69 -0.71
CA HIS A 268 -27.00 -4.29 -2.05
C HIS A 268 -28.16 -3.31 -2.16
N GLY A 269 -28.34 -2.76 -3.36
CA GLY A 269 -29.45 -1.86 -3.62
C GLY A 269 -29.54 -0.55 -2.86
N ASN A 270 -28.48 -0.17 -2.15
CA ASN A 270 -28.52 1.07 -1.37
C ASN A 270 -28.33 2.32 -2.21
N GLY A 271 -28.91 3.43 -1.76
CA GLY A 271 -28.78 4.67 -2.49
C GLY A 271 -27.34 5.12 -2.67
N SER A 272 -26.56 5.07 -1.59
CA SER A 272 -25.16 5.47 -1.64
C SER A 272 -24.27 4.24 -1.70
N SER A 273 -23.11 4.33 -1.04
CA SER A 273 -22.17 3.22 -1.01
C SER A 273 -22.69 2.04 -0.21
N GLY A 274 -22.20 0.85 -0.54
CA GLY A 274 -22.59 -0.34 0.20
C GLY A 274 -22.01 -0.18 1.59
N VAL A 275 -20.72 0.13 1.64
CA VAL A 275 -20.02 0.33 2.90
C VAL A 275 -19.24 1.64 2.86
N ARG A 276 -19.39 2.43 3.92
CA ARG A 276 -18.66 3.69 3.99
C ARG A 276 -17.93 3.82 5.34
N VAL A 277 -16.61 4.00 5.26
CA VAL A 277 -15.78 4.17 6.45
C VAL A 277 -15.45 5.66 6.47
N TYR A 278 -15.96 6.36 7.47
CA TYR A 278 -15.83 7.82 7.57
C TYR A 278 -15.16 8.19 8.89
N GLY A 279 -13.85 8.34 8.87
CA GLY A 279 -13.13 8.65 10.10
C GLY A 279 -13.14 7.53 11.12
N ALA A 280 -12.54 6.39 10.78
CA ALA A 280 -12.51 5.24 11.68
C ALA A 280 -11.18 4.52 11.53
N GLN A 281 -10.75 3.84 12.59
CA GLN A 281 -9.48 3.12 12.53
C GLN A 281 -9.64 1.65 12.91
N ASP A 282 -8.77 0.82 12.33
CA ASP A 282 -8.76 -0.62 12.59
C ASP A 282 -10.09 -1.28 12.26
N VAL A 283 -10.65 -0.91 11.11
CA VAL A 283 -11.89 -1.52 10.65
C VAL A 283 -11.54 -2.70 9.75
N GLN A 284 -12.26 -3.80 9.91
CA GLN A 284 -12.04 -4.99 9.08
C GLN A 284 -13.31 -5.31 8.30
N ILE A 285 -13.16 -5.34 6.97
CA ILE A 285 -14.29 -5.62 6.10
C ILE A 285 -13.97 -6.95 5.43
N LEU A 286 -14.48 -8.02 6.03
CA LEU A 286 -14.16 -9.38 5.60
C LEU A 286 -15.28 -10.22 4.99
N ASP A 287 -14.97 -10.86 3.87
CA ASP A 287 -15.88 -11.78 3.20
C ASP A 287 -17.32 -11.33 3.10
N ASN A 288 -17.52 -10.15 2.51
CA ASN A 288 -18.87 -9.63 2.34
C ASN A 288 -19.22 -9.67 0.86
N GLN A 289 -20.51 -9.61 0.58
CA GLN A 289 -21.03 -9.58 -0.77
C GLN A 289 -21.58 -8.16 -0.93
N ILE A 290 -20.75 -7.27 -1.49
CA ILE A 290 -21.13 -5.87 -1.64
C ILE A 290 -21.41 -5.59 -3.11
N HIS A 291 -22.68 -5.42 -3.44
CA HIS A 291 -23.05 -5.26 -4.85
C HIS A 291 -24.28 -4.44 -5.15
N ASP A 292 -24.28 -3.86 -6.34
CA ASP A 292 -25.44 -3.12 -6.83
C ASP A 292 -25.91 -1.99 -5.93
N ASN A 293 -24.98 -1.21 -5.43
CA ASN A 293 -25.31 -0.07 -4.59
C ASN A 293 -25.23 1.18 -5.45
N ALA A 294 -25.10 2.35 -4.85
CA ALA A 294 -25.04 3.59 -5.60
C ALA A 294 -26.25 3.71 -6.52
N GLN A 295 -27.42 3.35 -5.99
CA GLN A 295 -28.65 3.43 -6.75
C GLN A 295 -29.13 4.86 -6.93
N ALA A 296 -28.68 5.77 -6.08
CA ALA A 296 -29.13 7.15 -6.14
C ALA A 296 -28.03 8.18 -6.33
N ALA A 297 -26.79 7.72 -6.40
CA ALA A 297 -25.67 8.64 -6.56
C ALA A 297 -24.44 7.97 -7.16
N ALA A 298 -23.59 8.78 -7.78
CA ALA A 298 -22.35 8.30 -8.36
C ALA A 298 -21.35 8.17 -7.22
N VAL A 299 -21.33 6.99 -6.62
CA VAL A 299 -20.43 6.74 -5.50
C VAL A 299 -19.85 5.34 -5.63
N PRO A 300 -18.82 5.03 -4.85
CA PRO A 300 -18.20 3.71 -4.92
C PRO A 300 -18.97 2.68 -4.09
N GLU A 301 -18.72 1.40 -4.36
CA GLU A 301 -19.34 0.33 -3.61
C GLU A 301 -18.81 0.37 -2.18
N VAL A 302 -17.54 0.71 -2.04
CA VAL A 302 -16.89 0.82 -0.74
C VAL A 302 -16.08 2.11 -0.71
N LEU A 303 -16.45 3.01 0.19
CA LEU A 303 -15.78 4.30 0.31
C LEU A 303 -14.98 4.44 1.61
N LEU A 304 -13.73 4.87 1.50
CA LEU A 304 -12.89 5.10 2.67
C LEU A 304 -12.45 6.54 2.70
N GLN A 305 -12.75 7.24 3.79
CA GLN A 305 -12.34 8.63 3.94
C GLN A 305 -12.19 8.99 5.41
N SER A 306 -11.55 10.12 5.66
CA SER A 306 -11.33 10.61 7.00
C SER A 306 -12.43 11.62 7.34
N PHE A 307 -12.67 11.84 8.63
CA PHE A 307 -13.71 12.78 9.06
C PHE A 307 -13.09 14.03 9.70
N ASP A 308 -13.37 15.19 9.11
CA ASP A 308 -12.83 16.44 9.65
C ASP A 308 -13.78 17.02 10.68
N ASP A 309 -13.39 16.96 11.95
CA ASP A 309 -14.22 17.48 13.04
C ASP A 309 -13.45 18.55 13.79
N THR A 310 -12.42 19.10 13.12
CA THR A 310 -11.57 20.11 13.74
C THR A 310 -12.41 21.31 14.17
N ALA A 311 -13.49 21.56 13.45
CA ALA A 311 -14.38 22.66 13.76
C ALA A 311 -15.63 22.16 14.47
N GLY A 312 -15.60 20.91 14.91
CA GLY A 312 -16.74 20.33 15.59
C GLY A 312 -16.53 20.16 17.08
N ALA A 313 -17.33 19.32 17.71
CA ALA A 313 -17.25 19.10 19.15
C ALA A 313 -15.87 18.67 19.66
N SER A 314 -15.17 17.86 18.89
CA SER A 314 -13.87 17.34 19.32
C SER A 314 -12.68 18.17 18.91
N GLY A 315 -12.83 18.97 17.85
CA GLY A 315 -11.71 19.75 17.35
C GLY A 315 -10.65 18.78 16.86
N THR A 316 -11.09 17.60 16.48
CA THR A 316 -10.20 16.53 16.02
C THR A 316 -10.40 16.19 14.55
N TYR A 317 -9.32 15.79 13.90
CA TYR A 317 -9.40 15.33 12.53
C TYR A 317 -9.31 13.81 12.62
N TYR A 318 -10.42 13.11 12.42
CA TYR A 318 -10.39 11.65 12.50
C TYR A 318 -9.83 11.05 11.22
N THR A 319 -8.56 10.67 11.28
CA THR A 319 -7.89 10.05 10.14
C THR A 319 -8.26 8.58 10.09
N THR A 320 -8.65 8.10 8.91
CA THR A 320 -8.95 6.69 8.75
C THR A 320 -7.65 5.93 8.52
N LEU A 321 -7.38 4.95 9.39
CA LEU A 321 -6.15 4.16 9.28
C LEU A 321 -6.38 2.68 9.57
N ASN A 322 -5.57 1.84 8.91
CA ASN A 322 -5.61 0.39 9.11
C ASN A 322 -6.92 -0.28 8.78
N THR A 323 -7.46 0.03 7.61
CA THR A 323 -8.68 -0.60 7.16
C THR A 323 -8.29 -1.85 6.38
N ARG A 324 -8.72 -3.00 6.85
CA ARG A 324 -8.41 -4.24 6.14
C ARG A 324 -9.63 -4.69 5.36
N ILE A 325 -9.46 -4.79 4.05
CA ILE A 325 -10.56 -5.21 3.17
C ILE A 325 -10.09 -6.47 2.46
N GLU A 326 -10.60 -7.60 2.90
CA GLU A 326 -10.17 -8.88 2.35
C GLU A 326 -11.26 -9.93 2.11
N GLY A 327 -11.16 -10.60 0.97
CA GLY A 327 -12.09 -11.67 0.66
C GLY A 327 -13.49 -11.28 0.21
N ASN A 328 -13.68 -10.00 -0.09
CA ASN A 328 -15.01 -9.51 -0.50
C ASN A 328 -15.25 -9.70 -1.99
N THR A 329 -16.52 -9.82 -2.35
CA THR A 329 -16.95 -9.92 -3.75
C THR A 329 -17.74 -8.63 -3.98
N ILE A 330 -17.26 -7.81 -4.90
CA ILE A 330 -17.85 -6.51 -5.16
C ILE A 330 -18.18 -6.30 -6.62
N SER A 331 -19.40 -5.90 -6.90
CA SER A 331 -19.83 -5.58 -8.26
C SER A 331 -20.75 -4.38 -8.14
N GLY A 332 -20.53 -3.38 -8.98
CA GLY A 332 -21.33 -2.18 -8.86
C GLY A 332 -22.60 -2.16 -9.69
N SER A 333 -23.26 -1.02 -9.65
CA SER A 333 -24.46 -0.79 -10.44
C SER A 333 -23.96 0.08 -11.57
N ALA A 334 -24.87 0.62 -12.36
CA ALA A 334 -24.50 1.49 -13.46
C ALA A 334 -23.84 2.77 -12.94
N ASN A 335 -24.12 3.12 -11.70
CA ASN A 335 -23.59 4.37 -11.13
C ASN A 335 -22.34 4.18 -10.30
N SER A 336 -22.07 2.94 -9.88
CA SER A 336 -20.93 2.64 -9.04
C SER A 336 -19.61 3.12 -9.65
N THR A 337 -19.01 4.15 -9.06
CA THR A 337 -17.78 4.73 -9.57
C THR A 337 -16.56 3.82 -9.40
N TYR A 338 -16.31 3.34 -8.18
CA TYR A 338 -15.19 2.43 -7.95
C TYR A 338 -15.67 1.23 -7.15
N GLY A 339 -14.82 0.20 -7.10
CA GLY A 339 -15.12 -0.96 -6.28
C GLY A 339 -14.76 -0.52 -4.87
N ILE A 340 -13.52 -0.05 -4.72
CA ILE A 340 -13.02 0.47 -3.45
C ILE A 340 -12.29 1.80 -3.70
N GLN A 341 -12.59 2.82 -2.91
CA GLN A 341 -11.97 4.12 -3.10
C GLN A 341 -11.57 4.81 -1.80
N GLU A 342 -10.33 5.30 -1.77
CA GLU A 342 -9.85 6.08 -0.64
C GLU A 342 -9.91 7.51 -1.11
N ARG A 343 -10.32 8.44 -0.25
CA ARG A 343 -10.28 9.84 -0.62
C ARG A 343 -8.83 10.26 -0.35
N ASN A 344 -8.35 11.25 -1.09
CA ASN A 344 -6.99 11.74 -0.89
C ASN A 344 -7.05 12.80 0.22
N ASP A 345 -7.46 12.36 1.40
CA ASP A 345 -7.64 13.25 2.56
C ASP A 345 -6.82 12.81 3.77
N GLY A 346 -5.77 12.03 3.54
CA GLY A 346 -4.96 11.57 4.64
C GLY A 346 -5.27 10.16 5.04
N THR A 347 -6.39 9.62 4.55
CA THR A 347 -6.73 8.23 4.86
C THR A 347 -5.52 7.42 4.43
N ASP A 348 -5.08 6.50 5.29
CA ASP A 348 -3.86 5.74 4.98
C ASP A 348 -3.85 4.35 5.61
N TYR A 349 -2.88 3.55 5.21
CA TYR A 349 -2.73 2.19 5.69
C TYR A 349 -3.92 1.28 5.44
N SER A 350 -4.50 1.38 4.24
CA SER A 350 -5.58 0.48 3.87
C SER A 350 -4.92 -0.76 3.27
N SER A 351 -5.44 -1.94 3.59
CA SER A 351 -4.91 -3.18 3.06
C SER A 351 -5.99 -3.91 2.28
N LEU A 352 -5.91 -3.88 0.95
CA LEU A 352 -6.89 -4.57 0.13
C LEU A 352 -6.31 -5.91 -0.26
N ILE A 353 -6.95 -6.98 0.18
CA ILE A 353 -6.45 -8.32 -0.10
C ILE A 353 -7.49 -9.28 -0.62
N ASP A 354 -7.19 -9.88 -1.77
CA ASP A 354 -8.04 -10.87 -2.39
C ASP A 354 -9.51 -10.48 -2.46
N ASN A 355 -9.80 -9.41 -3.18
CA ASN A 355 -11.16 -8.94 -3.36
C ASN A 355 -11.51 -9.11 -4.83
N ASP A 356 -12.64 -9.75 -5.12
CA ASP A 356 -13.10 -9.88 -6.49
C ASP A 356 -13.98 -8.67 -6.80
N ILE A 357 -13.48 -7.79 -7.66
CA ILE A 357 -14.21 -6.58 -8.02
C ILE A 357 -14.57 -6.65 -9.49
N ALA A 358 -15.77 -6.16 -9.83
CA ALA A 358 -16.24 -6.21 -11.21
C ALA A 358 -17.49 -5.34 -11.41
N GLY A 359 -17.72 -4.94 -12.65
CA GLY A 359 -18.88 -4.13 -12.96
C GLY A 359 -18.87 -2.72 -12.41
N VAL A 360 -17.67 -2.13 -12.32
CA VAL A 360 -17.55 -0.75 -11.83
C VAL A 360 -16.72 0.05 -12.84
N GLN A 361 -16.85 1.37 -12.79
CA GLN A 361 -16.10 2.22 -13.70
C GLN A 361 -14.60 2.03 -13.51
N GLN A 362 -14.18 1.71 -12.29
CA GLN A 362 -12.78 1.43 -11.97
C GLN A 362 -12.71 0.61 -10.68
N PRO A 363 -12.06 -0.56 -10.74
CA PRO A 363 -11.92 -1.46 -9.58
C PRO A 363 -11.44 -0.85 -8.27
N ILE A 364 -10.29 -0.17 -8.32
CA ILE A 364 -9.70 0.37 -7.09
C ILE A 364 -8.99 1.71 -7.28
N GLN A 365 -8.96 2.50 -6.21
CA GLN A 365 -8.23 3.75 -6.22
C GLN A 365 -7.74 4.09 -4.81
N LEU A 366 -6.44 3.93 -4.61
CA LEU A 366 -5.82 4.21 -3.32
C LEU A 366 -4.93 5.44 -3.41
N TYR A 367 -4.72 6.10 -2.28
CA TYR A 367 -3.87 7.28 -2.23
C TYR A 367 -2.91 7.23 -1.05
N GLY A 368 -3.32 6.56 0.03
CA GLY A 368 -2.45 6.46 1.19
C GLY A 368 -1.06 5.94 0.85
N PRO A 369 0.00 6.68 1.19
CA PRO A 369 1.38 6.25 0.90
C PRO A 369 1.75 4.90 1.47
N HIS A 370 1.03 4.46 2.50
CA HIS A 370 1.31 3.15 3.08
C HIS A 370 0.17 2.18 2.78
N SER A 371 -0.75 2.57 1.90
CA SER A 371 -1.85 1.68 1.56
C SER A 371 -1.40 0.70 0.48
N THR A 372 -1.84 -0.53 0.61
CA THR A 372 -1.43 -1.61 -0.29
C THR A 372 -2.60 -2.35 -0.92
N VAL A 373 -2.32 -2.97 -2.07
CA VAL A 373 -3.33 -3.76 -2.76
C VAL A 373 -2.65 -5.02 -3.29
N SER A 374 -3.39 -6.13 -3.27
CA SER A 374 -2.86 -7.40 -3.76
C SER A 374 -3.98 -8.32 -4.23
N GLY A 375 -3.66 -9.18 -5.18
CA GLY A 375 -4.65 -10.12 -5.70
C GLY A 375 -5.43 -9.54 -6.87
N ASP B 2 59.57 9.39 -17.39
CA ASP B 2 58.76 10.11 -18.37
C ASP B 2 59.30 10.02 -19.79
N TYR B 3 58.41 9.72 -20.74
CA TYR B 3 58.83 9.55 -22.12
C TYR B 3 57.87 10.21 -23.10
N ASN B 4 58.40 11.15 -23.87
CA ASN B 4 57.64 11.86 -24.89
C ASN B 4 57.53 10.92 -26.08
N VAL B 5 56.30 10.55 -26.45
CA VAL B 5 56.12 9.64 -27.58
C VAL B 5 56.75 10.17 -28.87
N LYS B 6 56.80 11.48 -29.01
CA LYS B 6 57.39 12.06 -30.22
C LYS B 6 58.89 11.82 -30.31
N ASP B 7 59.50 11.42 -29.19
CA ASP B 7 60.92 11.10 -29.20
C ASP B 7 61.08 9.72 -29.83
N PHE B 8 59.97 8.97 -29.94
CA PHE B 8 60.01 7.64 -30.52
C PHE B 8 59.37 7.59 -31.90
N GLY B 9 59.15 8.76 -32.51
CA GLY B 9 58.59 8.80 -33.85
C GLY B 9 57.12 9.13 -33.99
N ALA B 10 56.38 9.20 -32.89
CA ALA B 10 54.95 9.53 -32.97
C ALA B 10 54.80 10.92 -33.57
N LEU B 11 53.88 11.06 -34.52
CA LEU B 11 53.65 12.35 -35.14
C LEU B 11 52.43 13.06 -34.57
N GLY B 12 51.38 12.30 -34.28
CA GLY B 12 50.16 12.88 -33.77
C GLY B 12 49.61 13.95 -34.71
N ASP B 13 49.55 13.63 -35.99
CA ASP B 13 49.05 14.58 -36.99
C ASP B 13 47.69 14.18 -37.52
N GLY B 14 47.01 13.27 -36.82
CA GLY B 14 45.70 12.82 -37.24
C GLY B 14 45.71 11.99 -38.51
N VAL B 15 46.89 11.58 -38.96
CA VAL B 15 47.02 10.77 -40.16
C VAL B 15 47.99 9.60 -39.99
N SER B 16 49.20 9.91 -39.52
CA SER B 16 50.21 8.89 -39.32
C SER B 16 49.83 7.84 -38.29
N ASP B 17 50.21 6.60 -38.56
CA ASP B 17 49.95 5.49 -37.65
C ASP B 17 51.05 5.50 -36.60
N ASP B 18 50.76 6.02 -35.42
CA ASP B 18 51.75 6.11 -34.35
C ASP B 18 51.83 4.92 -33.42
N ARG B 19 51.13 3.82 -33.73
CA ARG B 19 51.16 2.65 -32.86
C ARG B 19 52.56 2.21 -32.44
N ALA B 20 53.38 1.83 -33.42
CA ALA B 20 54.73 1.34 -33.13
C ALA B 20 55.54 2.31 -32.29
N SER B 21 55.46 3.59 -32.63
CA SER B 21 56.18 4.63 -31.88
C SER B 21 55.70 4.66 -30.44
N ILE B 22 54.39 4.75 -30.25
CA ILE B 22 53.82 4.82 -28.91
C ILE B 22 54.20 3.57 -28.13
N GLN B 23 54.12 2.41 -28.78
CA GLN B 23 54.47 1.16 -28.13
C GLN B 23 55.94 1.11 -27.76
N ALA B 24 56.77 1.78 -28.56
CA ALA B 24 58.20 1.82 -28.28
C ALA B 24 58.44 2.61 -26.99
N ALA B 25 57.73 3.72 -26.84
CA ALA B 25 57.88 4.54 -25.63
C ALA B 25 57.40 3.76 -24.42
N ILE B 26 56.34 2.98 -24.61
CA ILE B 26 55.82 2.16 -23.50
C ILE B 26 56.87 1.12 -23.09
N ASP B 27 57.45 0.46 -24.09
CA ASP B 27 58.45 -0.57 -23.81
C ASP B 27 59.68 0.01 -23.13
N ALA B 28 60.02 1.25 -23.50
CA ALA B 28 61.17 1.90 -22.90
C ALA B 28 60.86 2.11 -21.41
N ALA B 29 59.72 2.75 -21.15
CA ALA B 29 59.29 3.03 -19.79
C ALA B 29 59.27 1.73 -18.98
N TYR B 30 58.75 0.66 -19.58
CA TYR B 30 58.69 -0.64 -18.93
C TYR B 30 60.10 -1.10 -18.55
N ALA B 31 60.98 -1.09 -19.54
CA ALA B 31 62.37 -1.50 -19.36
C ALA B 31 63.05 -0.73 -18.24
N ALA B 32 62.70 0.54 -18.10
CA ALA B 32 63.30 1.38 -17.07
C ALA B 32 62.71 1.10 -15.69
N GLY B 33 61.78 0.17 -15.62
CA GLY B 33 61.14 -0.16 -14.36
C GLY B 33 59.92 0.68 -14.08
N GLY B 34 59.31 1.24 -15.12
CA GLY B 34 58.12 2.04 -14.95
C GLY B 34 58.32 3.52 -15.25
N GLY B 35 57.23 4.19 -15.60
CA GLY B 35 57.30 5.61 -15.91
C GLY B 35 56.06 6.08 -16.64
N THR B 36 56.00 7.37 -16.96
CA THR B 36 54.85 7.94 -17.66
C THR B 36 55.17 8.20 -19.13
N VAL B 37 54.31 7.71 -20.01
CA VAL B 37 54.46 7.93 -21.44
C VAL B 37 53.55 9.09 -21.78
N TYR B 38 54.16 10.24 -22.11
CA TYR B 38 53.38 11.43 -22.40
C TYR B 38 53.11 11.68 -23.87
N LEU B 39 51.86 12.02 -24.19
CA LEU B 39 51.49 12.35 -25.56
C LEU B 39 51.02 13.81 -25.64
N PRO B 40 51.80 14.66 -26.32
CA PRO B 40 51.43 16.08 -26.47
C PRO B 40 50.09 16.19 -27.19
N ALA B 41 49.41 17.31 -26.97
CA ALA B 41 48.12 17.56 -27.59
C ALA B 41 48.15 17.22 -29.07
N GLY B 42 47.06 16.61 -29.55
CA GLY B 42 46.97 16.23 -30.95
C GLY B 42 46.21 14.93 -31.12
N GLU B 43 45.98 14.53 -32.37
CA GLU B 43 45.29 13.28 -32.66
C GLU B 43 46.29 12.25 -33.16
N TYR B 44 46.40 11.15 -32.43
CA TYR B 44 47.31 10.07 -32.80
C TYR B 44 46.53 8.88 -33.32
N ARG B 45 46.73 8.54 -34.58
CA ARG B 45 46.06 7.40 -35.20
C ARG B 45 46.84 6.12 -34.89
N VAL B 46 46.10 5.03 -34.66
CA VAL B 46 46.72 3.75 -34.39
C VAL B 46 45.99 2.65 -35.14
N SER B 47 46.71 1.58 -35.44
CA SER B 47 46.09 0.45 -36.13
C SER B 47 46.13 -0.71 -35.15
N ALA B 48 45.42 -1.77 -35.47
CA ALA B 48 45.41 -2.95 -34.61
C ALA B 48 46.86 -3.41 -34.52
N ALA B 49 47.27 -3.93 -33.38
CA ALA B 49 48.65 -4.40 -33.20
C ALA B 49 48.86 -5.81 -33.74
N GLY B 50 47.78 -6.56 -33.90
CA GLY B 50 47.88 -7.91 -34.42
C GLY B 50 46.56 -8.67 -34.26
N GLU B 51 46.55 -9.63 -33.35
CA GLU B 51 45.33 -10.39 -33.07
C GLU B 51 44.44 -9.57 -32.16
N PRO B 52 43.15 -9.92 -32.05
CA PRO B 52 42.23 -9.16 -31.19
C PRO B 52 42.81 -8.94 -29.80
N GLY B 53 43.42 -9.98 -29.24
CA GLY B 53 43.99 -9.89 -27.91
C GLY B 53 45.20 -8.97 -27.81
N ASP B 54 45.73 -8.54 -28.94
CA ASP B 54 46.88 -7.64 -28.95
C ASP B 54 46.46 -6.18 -28.88
N GLY B 55 45.17 -5.91 -29.12
CA GLY B 55 44.67 -4.55 -29.07
C GLY B 55 45.48 -3.62 -29.96
N CYS B 56 45.63 -2.37 -29.54
CA CYS B 56 46.44 -1.39 -30.28
C CYS B 56 47.71 -1.07 -29.51
N LEU B 57 47.56 -0.69 -28.25
CA LEU B 57 48.69 -0.37 -27.38
C LEU B 57 48.65 -1.29 -26.17
N MET B 58 49.79 -1.91 -25.89
CA MET B 58 49.88 -2.85 -24.77
C MET B 58 50.66 -2.24 -23.60
N LEU B 59 49.94 -1.86 -22.55
CA LEU B 59 50.59 -1.31 -21.36
C LEU B 59 51.25 -2.44 -20.59
N LYS B 60 52.18 -2.08 -19.72
CA LYS B 60 52.92 -3.08 -18.96
C LYS B 60 53.19 -2.56 -17.56
N ASP B 61 53.71 -3.42 -16.70
CA ASP B 61 54.00 -3.04 -15.32
C ASP B 61 54.66 -1.67 -15.18
N GLY B 62 54.11 -0.84 -14.29
CA GLY B 62 54.69 0.47 -14.01
C GLY B 62 54.55 1.56 -15.07
N VAL B 63 53.82 1.28 -16.13
CA VAL B 63 53.68 2.26 -17.20
C VAL B 63 52.31 2.92 -17.23
N TYR B 64 52.31 4.24 -17.38
CA TYR B 64 51.08 5.00 -17.44
C TYR B 64 51.08 5.92 -18.65
N LEU B 65 49.92 6.08 -19.27
CA LEU B 65 49.80 7.00 -20.39
C LEU B 65 49.22 8.32 -19.87
N ALA B 66 49.70 9.43 -20.41
CA ALA B 66 49.20 10.74 -20.02
C ALA B 66 49.15 11.64 -21.24
N GLY B 67 48.01 12.31 -21.43
CA GLY B 67 47.85 13.21 -22.55
C GLY B 67 47.81 14.63 -22.03
N ALA B 68 47.44 15.57 -22.89
CA ALA B 68 47.36 16.98 -22.49
C ALA B 68 45.95 17.33 -22.04
N GLY B 69 45.14 16.29 -21.82
CA GLY B 69 43.78 16.49 -21.38
C GLY B 69 42.77 15.83 -22.30
N MET B 70 41.62 15.46 -21.76
CA MET B 70 40.55 14.85 -22.55
C MET B 70 40.23 15.78 -23.71
N GLY B 71 40.11 15.22 -24.90
CA GLY B 71 39.80 16.06 -26.06
C GLY B 71 41.00 16.79 -26.60
N GLU B 72 42.05 16.94 -25.80
CA GLU B 72 43.26 17.61 -26.25
C GLU B 72 44.17 16.58 -26.90
N THR B 73 44.37 15.47 -26.20
CA THR B 73 45.16 14.36 -26.74
C THR B 73 44.15 13.28 -27.08
N VAL B 74 44.12 12.88 -28.34
CA VAL B 74 43.18 11.86 -28.81
C VAL B 74 43.87 10.71 -29.53
N ILE B 75 43.63 9.49 -29.09
CA ILE B 75 44.17 8.33 -29.75
C ILE B 75 42.98 7.74 -30.51
N LYS B 76 43.06 7.78 -31.84
CA LYS B 76 41.96 7.34 -32.69
C LYS B 76 42.33 6.23 -33.66
N LEU B 77 41.43 5.27 -33.81
CA LEU B 77 41.65 4.14 -34.70
C LEU B 77 41.65 4.64 -36.15
N ILE B 78 42.57 4.11 -36.95
CA ILE B 78 42.70 4.52 -38.35
C ILE B 78 41.45 4.18 -39.15
N ASP B 79 41.13 5.03 -40.13
CA ASP B 79 39.97 4.77 -40.98
C ASP B 79 40.21 3.46 -41.72
N GLY B 80 39.15 2.68 -41.95
CA GLY B 80 39.28 1.44 -42.68
C GLY B 80 39.62 0.19 -41.89
N SER B 81 40.01 0.36 -40.62
CA SER B 81 40.32 -0.79 -39.80
C SER B 81 39.08 -1.69 -39.83
N ASP B 82 39.28 -3.00 -40.00
CA ASP B 82 38.16 -3.91 -40.04
C ASP B 82 38.47 -5.24 -39.36
N GLN B 83 38.76 -5.18 -38.07
CA GLN B 83 39.03 -6.40 -37.33
C GLN B 83 38.66 -6.20 -35.86
N LYS B 84 38.58 -7.29 -35.13
CA LYS B 84 38.23 -7.21 -33.72
C LYS B 84 39.44 -6.74 -32.92
N ILE B 85 39.23 -5.69 -32.12
CA ILE B 85 40.30 -5.15 -31.29
C ILE B 85 39.81 -5.11 -29.85
N THR B 86 40.30 -6.04 -29.04
CA THR B 86 39.88 -6.11 -27.66
C THR B 86 40.70 -5.18 -26.77
N GLY B 87 40.44 -3.88 -26.92
CA GLY B 87 41.12 -2.88 -26.13
C GLY B 87 42.18 -2.10 -26.90
N MET B 88 41.86 -0.88 -27.31
CA MET B 88 42.84 -0.05 -27.99
C MET B 88 44.04 0.15 -27.07
N VAL B 89 43.76 0.18 -25.76
CA VAL B 89 44.80 0.26 -24.75
C VAL B 89 44.46 -0.90 -23.81
N ARG B 90 45.43 -1.78 -23.54
CA ARG B 90 45.14 -2.92 -22.69
C ARG B 90 46.36 -3.54 -22.03
N SER B 91 46.13 -4.58 -21.23
CA SER B 91 47.21 -5.33 -20.60
C SER B 91 47.17 -6.73 -21.22
N ALA B 92 48.28 -7.46 -21.11
CA ALA B 92 48.39 -8.78 -21.71
C ALA B 92 47.53 -9.87 -21.09
N TYR B 93 46.88 -10.65 -21.94
CA TYR B 93 46.10 -11.79 -21.46
C TYR B 93 47.08 -12.74 -20.75
N GLY B 94 46.60 -13.44 -19.73
CA GLY B 94 47.44 -14.41 -19.03
C GLY B 94 48.70 -13.90 -18.35
N GLU B 95 48.73 -12.61 -18.06
CA GLU B 95 49.86 -11.99 -17.36
C GLU B 95 49.28 -11.14 -16.23
N GLU B 96 49.84 -11.24 -15.03
CA GLU B 96 49.36 -10.40 -13.95
C GLU B 96 50.06 -9.05 -14.07
N THR B 97 49.36 -8.08 -14.64
CA THR B 97 49.92 -6.75 -14.85
C THR B 97 49.57 -5.85 -13.67
N SER B 98 50.54 -5.08 -13.21
CA SER B 98 50.32 -4.22 -12.06
C SER B 98 50.89 -2.83 -12.23
N ASN B 99 50.36 -1.89 -11.45
CA ASN B 99 50.85 -0.53 -11.46
C ASN B 99 50.81 0.14 -12.82
N PHE B 100 49.62 0.31 -13.38
CA PHE B 100 49.52 0.95 -14.69
C PHE B 100 48.20 1.67 -14.86
N GLY B 101 48.04 2.31 -16.02
CA GLY B 101 46.80 3.03 -16.27
C GLY B 101 46.98 4.18 -17.24
N MET B 102 46.07 5.15 -17.17
CA MET B 102 46.14 6.27 -18.07
C MET B 102 45.34 7.44 -17.55
N ARG B 103 45.62 8.63 -18.07
CA ARG B 103 44.95 9.84 -17.65
C ARG B 103 45.00 10.94 -18.68
N ASP B 104 44.07 11.89 -18.54
CA ASP B 104 44.01 13.07 -19.38
C ASP B 104 44.16 12.86 -20.87
N LEU B 105 43.29 12.05 -21.45
CA LEU B 105 43.33 11.81 -22.88
C LEU B 105 42.02 11.20 -23.35
N THR B 106 41.86 11.12 -24.67
CA THR B 106 40.66 10.54 -25.24
C THR B 106 40.97 9.38 -26.17
N LEU B 107 40.18 8.32 -26.06
CA LEU B 107 40.31 7.16 -26.94
C LEU B 107 39.08 7.19 -27.86
N ASP B 108 39.33 7.21 -29.17
CA ASP B 108 38.24 7.29 -30.16
C ASP B 108 38.22 6.03 -31.01
N GLY B 109 37.13 5.28 -30.93
CA GLY B 109 37.04 4.03 -31.68
C GLY B 109 36.76 4.16 -33.17
N ASN B 110 36.38 5.37 -33.60
CA ASN B 110 36.13 5.64 -35.02
C ASN B 110 35.22 4.58 -35.65
N ARG B 111 34.15 4.24 -34.95
CA ARG B 111 33.27 3.22 -35.47
C ARG B 111 32.54 3.62 -36.75
N ASP B 112 32.40 4.92 -36.96
CA ASP B 112 31.76 5.40 -38.18
C ASP B 112 32.54 4.98 -39.42
N ASN B 113 33.87 4.89 -39.29
CA ASN B 113 34.70 4.56 -40.44
C ASN B 113 35.49 3.25 -40.30
N THR B 114 34.98 2.33 -39.50
CA THR B 114 35.65 1.05 -39.31
C THR B 114 34.62 -0.04 -39.07
N SER B 115 35.08 -1.29 -39.06
CA SER B 115 34.20 -2.41 -38.79
C SER B 115 34.91 -3.32 -37.81
N GLY B 116 34.17 -4.23 -37.21
CA GLY B 116 34.75 -5.13 -36.22
C GLY B 116 34.48 -4.58 -34.82
N LYS B 117 34.42 -5.47 -33.83
CA LYS B 117 34.17 -5.05 -32.45
C LYS B 117 35.43 -4.47 -31.82
N VAL B 118 35.38 -3.18 -31.52
CA VAL B 118 36.51 -2.47 -30.91
C VAL B 118 36.13 -1.99 -29.52
N ASP B 119 36.93 -2.33 -28.52
CA ASP B 119 36.69 -1.89 -27.15
C ASP B 119 37.77 -0.88 -26.79
N GLY B 120 37.38 0.19 -26.09
CA GLY B 120 38.34 1.23 -25.71
C GLY B 120 39.46 0.72 -24.81
N TRP B 121 39.09 0.32 -23.60
CA TRP B 121 40.05 -0.18 -22.62
C TRP B 121 39.72 -1.60 -22.19
N PHE B 122 40.76 -2.43 -22.07
CA PHE B 122 40.61 -3.81 -21.61
C PHE B 122 41.81 -4.19 -20.75
N ASN B 123 41.58 -4.97 -19.70
CA ASN B 123 42.69 -5.44 -18.86
C ASN B 123 42.15 -6.54 -17.99
N GLY B 124 43.03 -7.45 -17.55
CA GLY B 124 42.61 -8.54 -16.70
C GLY B 124 43.58 -9.70 -16.85
N TYR B 125 43.29 -10.84 -16.21
CA TYR B 125 44.21 -11.97 -16.29
C TYR B 125 43.70 -13.07 -17.24
N ILE B 126 42.90 -13.98 -16.69
CA ILE B 126 42.34 -15.08 -17.47
C ILE B 126 40.94 -15.42 -16.96
N PRO B 127 39.93 -15.38 -17.84
CA PRO B 127 38.57 -15.71 -17.41
C PRO B 127 38.58 -17.09 -16.75
N GLY B 128 38.05 -17.15 -15.53
CA GLY B 128 38.03 -18.41 -14.82
C GLY B 128 39.41 -18.84 -14.33
N GLY B 129 40.41 -18.01 -14.59
CA GLY B 129 41.76 -18.33 -14.18
C GLY B 129 42.18 -17.74 -12.85
N ASP B 130 43.19 -18.34 -12.21
CA ASP B 130 43.68 -17.88 -10.92
C ASP B 130 44.83 -16.87 -11.06
N GLY B 131 44.46 -15.59 -11.10
CA GLY B 131 45.43 -14.52 -11.23
C GLY B 131 44.70 -13.22 -11.45
N ALA B 132 45.42 -12.10 -11.41
CA ALA B 132 44.76 -10.81 -11.59
C ALA B 132 45.70 -9.65 -11.84
N ASP B 133 45.15 -8.59 -12.44
CA ASP B 133 45.87 -7.34 -12.61
C ASP B 133 45.68 -6.62 -11.27
N ARG B 134 46.65 -5.79 -10.89
CA ARG B 134 46.54 -5.06 -9.64
C ARG B 134 46.99 -3.60 -9.74
N ASP B 135 46.43 -2.77 -8.86
CA ASP B 135 46.78 -1.35 -8.84
C ASP B 135 46.70 -0.66 -10.17
N VAL B 136 45.49 -0.54 -10.70
CA VAL B 136 45.28 0.11 -11.99
C VAL B 136 44.59 1.45 -11.75
N THR B 137 45.07 2.50 -12.42
CA THR B 137 44.50 3.83 -12.21
C THR B 137 44.15 4.54 -13.50
N ILE B 138 42.88 4.90 -13.64
CA ILE B 138 42.40 5.64 -14.79
C ILE B 138 41.74 6.92 -14.29
N GLU B 139 42.26 8.07 -14.73
CA GLU B 139 41.74 9.36 -14.31
C GLU B 139 41.51 10.32 -15.46
N ARG B 140 40.35 10.95 -15.48
CA ARG B 140 40.03 11.94 -16.49
C ARG B 140 40.31 11.43 -17.90
N VAL B 141 39.65 10.34 -18.27
CA VAL B 141 39.79 9.77 -19.59
C VAL B 141 38.43 9.70 -20.27
N GLU B 142 38.41 10.02 -21.56
CA GLU B 142 37.18 9.96 -22.35
C GLU B 142 37.31 8.84 -23.37
N VAL B 143 36.33 7.94 -23.38
CA VAL B 143 36.29 6.83 -24.33
C VAL B 143 35.01 7.00 -25.14
N ARG B 144 35.14 7.01 -26.46
CA ARG B 144 33.99 7.25 -27.32
C ARG B 144 34.08 6.58 -28.68
N GLU B 145 32.93 6.45 -29.34
CA GLU B 145 32.83 5.87 -30.68
C GLU B 145 33.43 4.48 -30.82
N MET B 146 33.36 3.70 -29.76
CA MET B 146 33.83 2.32 -29.80
C MET B 146 32.65 1.48 -30.28
N SER B 147 32.89 0.58 -31.24
CA SER B 147 31.81 -0.27 -31.73
C SER B 147 31.42 -1.24 -30.62
N GLY B 148 32.34 -1.45 -29.69
CA GLY B 148 32.09 -2.37 -28.59
C GLY B 148 31.95 -1.66 -27.26
N TYR B 149 32.67 -2.12 -26.25
CA TYR B 149 32.61 -1.50 -24.92
C TYR B 149 33.46 -0.24 -24.80
N GLY B 150 33.11 0.61 -23.84
CA GLY B 150 33.91 1.81 -23.59
C GLY B 150 35.08 1.36 -22.73
N PHE B 151 34.90 1.39 -21.42
CA PHE B 151 35.93 0.90 -20.50
C PHE B 151 35.55 -0.54 -20.16
N ASP B 152 36.48 -1.47 -20.36
CA ASP B 152 36.20 -2.87 -20.08
C ASP B 152 37.18 -3.53 -19.11
N PRO B 153 37.39 -2.93 -17.92
CA PRO B 153 38.31 -3.57 -16.97
C PRO B 153 37.75 -4.97 -16.71
N HIS B 154 38.60 -5.99 -16.82
CA HIS B 154 38.17 -7.39 -16.81
C HIS B 154 38.72 -8.35 -15.75
N GLU B 155 38.16 -9.56 -15.73
CA GLU B 155 38.56 -10.60 -14.79
C GLU B 155 40.03 -10.99 -14.92
N GLN B 156 40.81 -10.89 -13.84
CA GLN B 156 40.39 -10.38 -12.54
C GLN B 156 41.19 -9.09 -12.37
N THR B 157 40.60 -8.07 -11.76
CA THR B 157 41.34 -6.84 -11.50
C THR B 157 41.12 -6.41 -10.06
N ILE B 158 42.21 -6.27 -9.33
CA ILE B 158 42.16 -5.89 -7.94
C ILE B 158 42.67 -4.47 -7.76
N ASN B 159 41.96 -3.70 -6.96
CA ASN B 159 42.31 -2.33 -6.69
C ASN B 159 42.39 -1.47 -7.95
N LEU B 160 41.30 -1.46 -8.69
CA LEU B 160 41.19 -0.63 -9.87
C LEU B 160 40.46 0.63 -9.43
N THR B 161 40.87 1.76 -9.96
CA THR B 161 40.21 3.01 -9.68
C THR B 161 40.00 3.73 -11.00
N ILE B 162 38.75 4.03 -11.32
CA ILE B 162 38.44 4.81 -12.50
C ILE B 162 37.66 6.00 -11.96
N ARG B 163 38.16 7.21 -12.23
CA ARG B 163 37.48 8.40 -11.74
C ARG B 163 37.48 9.55 -12.73
N ASP B 164 36.49 10.42 -12.58
CA ASP B 164 36.37 11.62 -13.41
C ASP B 164 36.53 11.31 -14.88
N SER B 165 36.02 10.14 -15.28
CA SER B 165 36.09 9.72 -16.67
C SER B 165 34.73 9.73 -17.35
N VAL B 166 34.74 9.61 -18.67
CA VAL B 166 33.51 9.66 -19.45
C VAL B 166 33.53 8.66 -20.60
N ALA B 167 32.41 7.95 -20.77
CA ALA B 167 32.25 6.98 -21.84
C ALA B 167 30.92 7.28 -22.53
N HIS B 168 30.98 7.60 -23.82
CA HIS B 168 29.76 7.93 -24.55
C HIS B 168 29.81 7.50 -26.01
N ASP B 169 28.64 7.28 -26.58
CA ASP B 169 28.51 6.89 -27.99
C ASP B 169 29.28 5.63 -28.34
N ASN B 170 29.16 4.62 -27.48
CA ASN B 170 29.82 3.35 -27.73
C ASN B 170 28.76 2.30 -28.10
N GLY B 171 29.19 1.23 -28.76
CA GLY B 171 28.27 0.20 -29.22
C GLY B 171 27.61 -0.67 -28.16
N LEU B 172 28.28 -0.88 -27.03
CA LEU B 172 27.71 -1.69 -25.96
C LEU B 172 27.57 -0.88 -24.68
N ASP B 173 28.33 -1.24 -23.64
CA ASP B 173 28.24 -0.53 -22.37
C ASP B 173 29.33 0.54 -22.20
N GLY B 174 28.98 1.63 -21.54
CA GLY B 174 29.94 2.69 -21.29
C GLY B 174 31.07 2.19 -20.42
N PHE B 175 30.70 1.67 -19.24
CA PHE B 175 31.67 1.12 -18.29
C PHE B 175 31.28 -0.28 -17.88
N VAL B 176 32.24 -1.19 -17.86
CA VAL B 176 32.01 -2.56 -17.43
C VAL B 176 32.89 -2.82 -16.22
N ALA B 177 32.36 -3.59 -15.28
CA ALA B 177 33.12 -3.96 -14.09
C ALA B 177 33.08 -5.47 -14.07
N ASP B 178 33.98 -6.10 -14.83
CA ASP B 178 33.99 -7.56 -14.94
C ASP B 178 34.95 -8.17 -13.93
N TYR B 179 34.39 -8.79 -12.90
CA TYR B 179 35.14 -9.39 -11.82
C TYR B 179 36.22 -8.45 -11.26
N LEU B 180 35.78 -7.28 -10.76
CA LEU B 180 36.68 -6.36 -10.11
C LEU B 180 36.56 -6.65 -8.62
N VAL B 181 37.64 -6.42 -7.87
CA VAL B 181 37.65 -6.64 -6.44
C VAL B 181 38.33 -5.44 -5.77
N ASP B 182 37.77 -5.01 -4.64
CA ASP B 182 38.33 -3.89 -3.90
C ASP B 182 38.67 -2.73 -4.83
N SER B 183 37.71 -2.35 -5.65
CA SER B 183 37.90 -1.29 -6.63
C SER B 183 36.90 -0.15 -6.48
N VAL B 184 37.08 0.90 -7.27
CA VAL B 184 36.22 2.07 -7.18
C VAL B 184 35.96 2.75 -8.52
N PHE B 185 34.70 3.13 -8.73
CA PHE B 185 34.27 3.89 -9.90
C PHE B 185 33.71 5.17 -9.27
N GLU B 186 34.35 6.30 -9.54
CA GLU B 186 33.90 7.55 -8.91
C GLU B 186 33.86 8.77 -9.83
N ASN B 187 32.74 9.47 -9.80
CA ASN B 187 32.54 10.68 -10.58
C ASN B 187 32.68 10.46 -12.07
N ASN B 188 32.16 9.34 -12.57
CA ASN B 188 32.23 9.03 -13.97
C ASN B 188 30.88 9.29 -14.62
N VAL B 189 30.90 9.53 -15.93
CA VAL B 189 29.68 9.79 -16.66
C VAL B 189 29.61 8.87 -17.87
N ALA B 190 28.46 8.23 -18.04
CA ALA B 190 28.23 7.34 -19.18
C ALA B 190 26.93 7.72 -19.86
N TYR B 191 27.01 8.17 -21.09
CA TYR B 191 25.80 8.55 -21.81
C TYR B 191 25.87 8.22 -23.29
N ALA B 192 24.71 8.11 -23.91
CA ALA B 192 24.59 7.81 -25.34
C ALA B 192 25.22 6.49 -25.78
N ASN B 193 25.36 5.54 -24.87
CA ASN B 193 25.89 4.24 -25.24
C ASN B 193 24.69 3.38 -25.67
N ASP B 194 24.90 2.50 -26.65
CA ASP B 194 23.81 1.67 -27.18
C ASP B 194 23.21 0.67 -26.21
N ARG B 195 23.96 0.30 -25.18
CA ARG B 195 23.40 -0.60 -24.19
C ARG B 195 23.41 0.06 -22.81
N HIS B 196 24.17 -0.49 -21.86
CA HIS B 196 24.16 0.07 -20.51
C HIS B 196 25.16 1.19 -20.25
N GLY B 197 24.83 2.08 -19.31
CA GLY B 197 25.78 3.10 -18.92
C GLY B 197 26.92 2.38 -18.20
N PHE B 198 26.55 1.67 -17.12
CA PHE B 198 27.47 0.88 -16.31
C PHE B 198 26.95 -0.56 -16.18
N ASN B 199 27.83 -1.53 -16.35
CA ASN B 199 27.45 -2.94 -16.29
C ASN B 199 28.40 -3.70 -15.37
N VAL B 200 27.94 -3.99 -14.15
CA VAL B 200 28.73 -4.71 -13.16
C VAL B 200 28.35 -6.17 -13.26
N VAL B 201 29.33 -7.01 -13.54
CA VAL B 201 29.05 -8.41 -13.79
C VAL B 201 30.21 -9.35 -13.43
N THR B 202 29.96 -10.65 -13.54
CA THR B 202 31.00 -11.65 -13.29
C THR B 202 31.67 -11.61 -11.92
N SER B 203 30.89 -11.85 -10.87
CA SER B 203 31.41 -11.98 -9.52
C SER B 203 32.04 -10.77 -8.87
N THR B 204 31.95 -9.60 -9.50
CA THR B 204 32.53 -8.39 -8.90
C THR B 204 32.06 -8.22 -7.44
N HIS B 205 32.99 -7.94 -6.54
CA HIS B 205 32.61 -7.76 -5.14
C HIS B 205 33.52 -6.81 -4.37
N ASP B 206 32.98 -6.22 -3.29
CA ASP B 206 33.71 -5.25 -2.50
C ASP B 206 34.08 -4.13 -3.48
N PHE B 207 33.04 -3.60 -4.12
CA PHE B 207 33.16 -2.59 -5.17
C PHE B 207 32.35 -1.35 -4.75
N VAL B 208 32.93 -0.16 -4.94
CA VAL B 208 32.24 1.07 -4.58
C VAL B 208 32.06 1.99 -5.78
N MET B 209 30.82 2.38 -6.03
CA MET B 209 30.48 3.26 -7.14
C MET B 209 29.94 4.56 -6.57
N THR B 210 30.81 5.57 -6.50
CA THR B 210 30.44 6.84 -5.90
C THR B 210 30.15 7.98 -6.89
N ASN B 211 28.98 8.58 -6.74
CA ASN B 211 28.57 9.72 -7.54
C ASN B 211 28.77 9.57 -9.05
N ASN B 212 28.36 8.42 -9.58
CA ASN B 212 28.45 8.18 -11.01
C ASN B 212 27.12 8.58 -11.67
N VAL B 213 27.20 9.01 -12.92
CA VAL B 213 26.03 9.43 -13.67
C VAL B 213 25.88 8.66 -14.97
N ALA B 214 24.65 8.21 -15.25
CA ALA B 214 24.37 7.49 -16.47
C ALA B 214 23.05 8.00 -17.02
N TYR B 215 23.05 8.41 -18.29
CA TYR B 215 21.83 8.92 -18.91
C TYR B 215 21.87 8.70 -20.41
N GLY B 216 20.69 8.72 -21.02
CA GLY B 216 20.58 8.57 -22.46
C GLY B 216 21.18 7.31 -23.04
N ASN B 217 21.21 6.23 -22.25
CA ASN B 217 21.75 4.97 -22.73
C ASN B 217 20.66 4.08 -23.33
N GLY B 218 21.06 3.20 -24.24
CA GLY B 218 20.12 2.35 -24.95
C GLY B 218 19.45 1.25 -24.15
N SER B 219 19.95 0.97 -22.95
CA SER B 219 19.34 -0.04 -22.12
C SER B 219 19.15 0.56 -20.73
N SER B 220 19.81 -0.01 -19.72
CA SER B 220 19.70 0.52 -18.36
C SER B 220 20.87 1.44 -18.03
N GLY B 221 20.64 2.38 -17.11
CA GLY B 221 21.70 3.30 -16.71
C GLY B 221 22.81 2.55 -15.99
N LEU B 222 22.43 1.82 -14.95
CA LEU B 222 23.37 1.02 -14.19
C LEU B 222 22.78 -0.36 -13.92
N VAL B 223 23.58 -1.38 -14.20
CA VAL B 223 23.17 -2.77 -14.01
C VAL B 223 24.19 -3.58 -13.23
N VAL B 224 23.71 -4.37 -12.28
CA VAL B 224 24.56 -5.28 -11.51
C VAL B 224 23.93 -6.64 -11.76
N GLN B 225 24.67 -7.54 -12.42
CA GLN B 225 24.11 -8.83 -12.79
C GLN B 225 25.11 -9.98 -12.79
N ARG B 226 24.58 -11.19 -12.63
CA ARG B 226 25.41 -12.38 -12.61
C ARG B 226 26.09 -12.58 -13.95
N GLY B 227 25.32 -12.37 -15.03
CA GLY B 227 25.85 -12.63 -16.35
C GLY B 227 25.26 -13.92 -16.87
N LEU B 228 25.67 -14.32 -18.07
CA LEU B 228 25.13 -15.51 -18.71
C LEU B 228 25.56 -16.82 -18.07
N GLU B 229 26.69 -16.84 -17.39
CA GLU B 229 27.20 -18.08 -16.82
C GLU B 229 26.85 -18.30 -15.36
N ASP B 230 26.83 -19.57 -14.97
CA ASP B 230 26.54 -19.96 -13.60
C ASP B 230 27.78 -19.74 -12.74
N LEU B 231 28.02 -18.48 -12.40
CA LEU B 231 29.19 -18.10 -11.60
C LEU B 231 28.77 -17.41 -10.32
N ALA B 232 29.71 -17.29 -9.38
CA ALA B 232 29.43 -16.62 -8.12
C ALA B 232 28.86 -15.23 -8.43
N LEU B 233 27.76 -14.88 -7.75
CA LEU B 233 27.10 -13.61 -8.01
C LEU B 233 27.86 -12.38 -7.52
N PRO B 234 27.67 -11.24 -8.21
CA PRO B 234 28.36 -10.02 -7.75
C PRO B 234 27.69 -9.71 -6.41
N SER B 235 28.46 -9.23 -5.44
CA SER B 235 27.86 -8.91 -4.15
C SER B 235 28.71 -7.91 -3.43
N ASN B 236 28.17 -7.38 -2.35
CA ASN B 236 28.91 -6.41 -1.55
C ASN B 236 29.30 -5.23 -2.41
N ILE B 237 28.29 -4.55 -2.94
CA ILE B 237 28.51 -3.39 -3.79
C ILE B 237 27.73 -2.22 -3.26
N LEU B 238 28.37 -1.06 -3.22
CA LEU B 238 27.74 0.16 -2.74
C LEU B 238 27.61 1.15 -3.89
N ILE B 239 26.38 1.52 -4.21
CA ILE B 239 26.10 2.51 -5.24
C ILE B 239 25.69 3.73 -4.42
N ASP B 240 26.63 4.66 -4.26
CA ASP B 240 26.42 5.83 -3.41
C ASP B 240 26.32 7.13 -4.19
N GLY B 241 25.12 7.70 -4.21
CA GLY B 241 24.91 8.95 -4.92
C GLY B 241 24.85 8.79 -6.43
N GLY B 242 25.00 9.90 -7.15
CA GLY B 242 24.96 9.84 -8.59
C GLY B 242 23.55 10.01 -9.14
N ALA B 243 23.42 9.88 -10.45
CA ALA B 243 22.12 10.03 -11.10
C ALA B 243 22.03 9.07 -12.27
N TYR B 244 20.87 8.43 -12.39
CA TYR B 244 20.64 7.48 -13.48
C TYR B 244 19.29 7.88 -14.05
N TYR B 245 19.31 8.54 -15.20
CA TYR B 245 18.10 9.10 -15.79
C TYR B 245 18.07 9.11 -17.31
N ASP B 246 16.86 9.18 -17.86
CA ASP B 246 16.64 9.23 -19.30
C ASP B 246 17.29 8.09 -20.07
N ASN B 247 17.31 6.91 -19.46
CA ASN B 247 17.83 5.72 -20.12
C ASN B 247 16.65 4.99 -20.74
N ALA B 248 16.90 4.20 -21.79
CA ALA B 248 15.84 3.51 -22.51
C ALA B 248 15.05 2.52 -21.65
N ARG B 249 15.72 1.91 -20.68
CA ARG B 249 15.05 0.94 -19.81
C ARG B 249 15.07 1.37 -18.35
N GLU B 250 15.57 0.51 -17.46
CA GLU B 250 15.60 0.86 -16.04
C GLU B 250 16.72 1.84 -15.73
N GLY B 251 16.56 2.60 -14.66
CA GLY B 251 17.62 3.49 -14.23
C GLY B 251 18.66 2.57 -13.63
N VAL B 252 18.23 1.74 -12.68
CA VAL B 252 19.11 0.79 -12.00
C VAL B 252 18.47 -0.61 -11.99
N LEU B 253 19.21 -1.58 -12.50
CA LEU B 253 18.73 -2.95 -12.54
C LEU B 253 19.67 -3.85 -11.73
N LEU B 254 19.10 -4.63 -10.82
CA LEU B 254 19.88 -5.56 -10.00
C LEU B 254 19.32 -6.95 -10.27
N LYS B 255 20.08 -7.76 -11.00
CA LYS B 255 19.63 -9.08 -11.41
C LYS B 255 20.58 -10.22 -11.04
N MET B 256 20.04 -11.22 -10.34
CA MET B 256 20.82 -12.37 -9.89
C MET B 256 22.08 -11.90 -9.18
N THR B 257 21.88 -11.21 -8.07
CA THR B 257 22.98 -10.67 -7.29
C THR B 257 22.49 -10.58 -5.86
N SER B 258 23.32 -10.04 -4.97
CA SER B 258 22.91 -9.87 -3.58
C SER B 258 23.81 -8.90 -2.85
N ASP B 259 23.33 -8.43 -1.71
CA ASP B 259 24.12 -7.55 -0.86
C ASP B 259 24.50 -6.27 -1.59
N ILE B 260 23.52 -5.65 -2.24
CA ILE B 260 23.75 -4.40 -2.95
C ILE B 260 23.07 -3.25 -2.18
N THR B 261 23.75 -2.12 -2.08
CA THR B 261 23.15 -0.96 -1.45
C THR B 261 23.13 0.20 -2.45
N LEU B 262 21.93 0.73 -2.68
CA LEU B 262 21.72 1.86 -3.59
C LEU B 262 21.16 2.98 -2.74
N GLN B 263 21.96 4.04 -2.58
CA GLN B 263 21.57 5.14 -1.73
C GLN B 263 21.87 6.52 -2.29
N ASN B 264 21.13 7.51 -1.78
CA ASN B 264 21.31 8.91 -2.14
C ASN B 264 21.40 9.19 -3.64
N ALA B 265 20.67 8.41 -4.44
CA ALA B 265 20.72 8.61 -5.88
C ALA B 265 19.48 9.34 -6.42
N ASP B 266 19.60 9.94 -7.59
CA ASP B 266 18.48 10.63 -8.23
C ASP B 266 18.18 9.82 -9.50
N ILE B 267 17.02 9.18 -9.51
CA ILE B 267 16.63 8.31 -10.61
C ILE B 267 15.31 8.80 -11.23
N HIS B 268 15.37 9.24 -12.49
CA HIS B 268 14.18 9.78 -13.14
C HIS B 268 14.20 9.70 -14.67
N GLY B 269 13.01 9.81 -15.26
CA GLY B 269 12.90 9.84 -16.71
C GLY B 269 13.23 8.58 -17.49
N ASN B 270 13.49 7.48 -16.80
CA ASN B 270 13.83 6.24 -17.49
C ASN B 270 12.59 5.63 -18.17
N GLY B 271 12.82 4.84 -19.21
CA GLY B 271 11.72 4.25 -19.95
C GLY B 271 10.94 3.23 -19.16
N SER B 272 11.63 2.43 -18.37
CA SER B 272 11.00 1.41 -17.55
C SER B 272 11.01 1.88 -16.11
N SER B 273 11.31 0.98 -15.18
CA SER B 273 11.32 1.34 -13.77
C SER B 273 12.54 2.13 -13.37
N GLY B 274 12.44 2.89 -12.29
CA GLY B 274 13.58 3.65 -11.81
C GLY B 274 14.56 2.67 -11.19
N VAL B 275 14.03 1.72 -10.42
CA VAL B 275 14.84 0.69 -9.78
C VAL B 275 14.12 -0.64 -9.97
N ARG B 276 14.85 -1.64 -10.45
CA ARG B 276 14.25 -2.97 -10.67
C ARG B 276 15.09 -4.07 -10.07
N VAL B 277 14.56 -4.74 -9.05
CA VAL B 277 15.25 -5.85 -8.43
C VAL B 277 14.71 -7.12 -9.07
N TYR B 278 15.61 -7.93 -9.62
CA TYR B 278 15.21 -9.10 -10.38
C TYR B 278 16.00 -10.32 -9.92
N GLY B 279 15.51 -10.98 -8.87
CA GLY B 279 16.21 -12.14 -8.33
C GLY B 279 17.46 -11.77 -7.53
N ALA B 280 17.28 -11.00 -6.47
CA ALA B 280 18.41 -10.60 -5.64
C ALA B 280 18.00 -10.57 -4.18
N GLN B 281 18.96 -10.84 -3.29
CA GLN B 281 18.67 -10.83 -1.86
C GLN B 281 19.49 -9.81 -1.09
N ASP B 282 18.94 -9.38 0.04
CA ASP B 282 19.59 -8.40 0.92
C ASP B 282 19.99 -7.11 0.21
N VAL B 283 19.09 -6.64 -0.65
CA VAL B 283 19.28 -5.39 -1.36
C VAL B 283 18.72 -4.25 -0.52
N GLN B 284 19.48 -3.17 -0.40
CA GLN B 284 19.02 -2.00 0.36
C GLN B 284 18.90 -0.79 -0.56
N ILE B 285 17.70 -0.22 -0.61
CA ILE B 285 17.39 0.94 -1.42
C ILE B 285 17.07 2.03 -0.41
N LEU B 286 18.06 2.88 -0.15
CA LEU B 286 17.97 3.89 0.88
C LEU B 286 18.05 5.35 0.45
N ASP B 287 17.12 6.15 0.95
CA ASP B 287 17.12 7.60 0.75
C ASP B 287 17.39 8.06 -0.69
N ASN B 288 16.68 7.50 -1.65
CA ASN B 288 16.85 7.90 -3.04
C ASN B 288 15.66 8.73 -3.52
N GLN B 289 15.88 9.50 -4.57
CA GLN B 289 14.83 10.27 -5.21
C GLN B 289 14.48 9.49 -6.47
N ILE B 290 13.37 8.76 -6.41
CA ILE B 290 12.94 7.95 -7.54
C ILE B 290 11.64 8.56 -8.06
N HIS B 291 11.71 9.16 -9.23
CA HIS B 291 10.55 9.88 -9.75
C HIS B 291 10.46 9.97 -11.26
N ASP B 292 9.24 10.03 -11.77
CA ASP B 292 8.99 10.21 -13.21
C ASP B 292 9.63 9.18 -14.13
N ASN B 293 9.55 7.91 -13.77
CA ASN B 293 10.10 6.90 -14.64
C ASN B 293 8.92 6.30 -15.42
N ALA B 294 9.07 5.08 -15.94
CA ALA B 294 8.00 4.46 -16.72
C ALA B 294 7.59 5.39 -17.85
N GLN B 295 8.58 6.00 -18.50
CA GLN B 295 8.31 6.93 -19.59
C GLN B 295 7.93 6.21 -20.86
N ALA B 296 8.29 4.92 -20.96
CA ALA B 296 8.00 4.17 -22.18
C ALA B 296 7.20 2.90 -21.95
N ALA B 297 6.77 2.65 -20.72
CA ALA B 297 6.00 1.46 -20.42
C ALA B 297 5.23 1.58 -19.11
N ALA B 298 4.14 0.83 -18.99
CA ALA B 298 3.34 0.83 -17.78
C ALA B 298 4.04 -0.07 -16.77
N VAL B 299 4.90 0.53 -15.96
CA VAL B 299 5.66 -0.21 -14.97
C VAL B 299 5.73 0.65 -13.72
N PRO B 300 6.11 0.05 -12.59
CA PRO B 300 6.22 0.80 -11.34
C PRO B 300 7.53 1.57 -11.23
N GLU B 301 7.57 2.53 -10.29
CA GLU B 301 8.79 3.28 -10.04
C GLU B 301 9.85 2.32 -9.47
N VAL B 302 9.41 1.44 -8.59
CA VAL B 302 10.30 0.43 -8.04
C VAL B 302 9.64 -0.93 -8.22
N LEU B 303 10.31 -1.82 -8.95
CA LEU B 303 9.79 -3.16 -9.23
C LEU B 303 10.61 -4.25 -8.54
N LEU B 304 9.91 -5.13 -7.83
CA LEU B 304 10.56 -6.23 -7.13
C LEU B 304 10.02 -7.56 -7.63
N GLN B 305 10.89 -8.38 -8.18
CA GLN B 305 10.49 -9.70 -8.67
C GLN B 305 11.63 -10.70 -8.54
N SER B 306 11.30 -11.97 -8.75
CA SER B 306 12.27 -13.03 -8.65
C SER B 306 12.62 -13.53 -10.05
N PHE B 307 13.77 -14.18 -10.16
CA PHE B 307 14.25 -14.65 -11.45
C PHE B 307 14.27 -16.17 -11.50
N ASP B 308 13.44 -16.74 -12.37
CA ASP B 308 13.39 -18.18 -12.55
C ASP B 308 14.47 -18.64 -13.52
N ASP B 309 15.53 -19.23 -12.99
CA ASP B 309 16.62 -19.73 -13.82
C ASP B 309 16.72 -21.24 -13.64
N THR B 310 15.60 -21.87 -13.28
CA THR B 310 15.59 -23.32 -13.08
C THR B 310 15.94 -24.05 -14.36
N ALA B 311 15.60 -23.47 -15.51
CA ALA B 311 15.90 -24.08 -16.80
C ALA B 311 17.12 -23.40 -17.44
N GLY B 312 17.88 -22.67 -16.64
CA GLY B 312 19.04 -21.96 -17.17
C GLY B 312 20.38 -22.52 -16.74
N ALA B 313 21.41 -21.69 -16.82
CA ALA B 313 22.76 -22.14 -16.47
C ALA B 313 22.86 -22.65 -15.04
N SER B 314 22.15 -22.02 -14.11
CA SER B 314 22.23 -22.40 -12.71
C SER B 314 21.21 -23.44 -12.25
N GLY B 315 20.06 -23.50 -12.90
CA GLY B 315 19.04 -24.46 -12.48
C GLY B 315 18.45 -23.97 -11.16
N THR B 316 18.68 -22.70 -10.87
CA THR B 316 18.23 -22.10 -9.61
C THR B 316 17.07 -21.12 -9.79
N TYR B 317 16.17 -21.10 -8.81
CA TYR B 317 15.06 -20.16 -8.81
C TYR B 317 15.55 -19.06 -7.85
N TYR B 318 15.92 -17.90 -8.39
CA TYR B 318 16.45 -16.82 -7.56
C TYR B 318 15.32 -16.04 -6.91
N THR B 319 14.99 -16.39 -5.67
CA THR B 319 13.93 -15.73 -4.94
C THR B 319 14.44 -14.45 -4.30
N THR B 320 13.78 -13.34 -4.62
CA THR B 320 14.15 -12.05 -4.05
C THR B 320 13.66 -12.01 -2.60
N LEU B 321 14.60 -11.82 -1.67
CA LEU B 321 14.24 -11.80 -0.26
C LEU B 321 14.97 -10.71 0.52
N ASN B 322 14.30 -10.16 1.52
CA ASN B 322 14.91 -9.20 2.41
C ASN B 322 15.34 -7.89 1.74
N THR B 323 14.47 -7.36 0.89
CA THR B 323 14.73 -6.09 0.23
C THR B 323 14.28 -4.99 1.19
N ARG B 324 15.25 -4.22 1.69
CA ARG B 324 14.94 -3.12 2.59
C ARG B 324 14.85 -1.84 1.76
N ILE B 325 13.66 -1.24 1.74
CA ILE B 325 13.41 -0.01 0.99
C ILE B 325 13.02 1.06 2.00
N GLU B 326 13.97 1.92 2.33
CA GLU B 326 13.75 2.91 3.38
C GLU B 326 14.17 4.34 3.09
N GLY B 327 13.29 5.28 3.46
CA GLY B 327 13.56 6.70 3.33
C GLY B 327 13.55 7.29 1.94
N ASN B 328 12.97 6.58 0.98
CA ASN B 328 12.94 7.09 -0.39
C ASN B 328 11.75 8.02 -0.64
N THR B 329 11.91 8.89 -1.63
CA THR B 329 10.84 9.80 -2.04
C THR B 329 10.50 9.35 -3.45
N ILE B 330 9.29 8.82 -3.60
CA ILE B 330 8.85 8.25 -4.87
C ILE B 330 7.60 8.93 -5.42
N SER B 331 7.66 9.33 -6.68
CA SER B 331 6.53 9.93 -7.38
C SER B 331 6.63 9.44 -8.81
N GLY B 332 5.50 9.14 -9.44
CA GLY B 332 5.58 8.60 -10.78
C GLY B 332 5.23 9.54 -11.91
N SER B 333 5.24 9.00 -13.12
CA SER B 333 4.83 9.75 -14.29
C SER B 333 3.38 9.33 -14.48
N ALA B 334 2.79 9.68 -15.61
CA ALA B 334 1.41 9.31 -15.88
C ALA B 334 1.30 7.80 -16.05
N ASN B 335 2.43 7.17 -16.39
CA ASN B 335 2.42 5.73 -16.64
C ASN B 335 2.81 4.86 -15.44
N SER B 336 3.45 5.45 -14.44
CA SER B 336 3.87 4.69 -13.25
C SER B 336 2.69 3.96 -12.62
N THR B 337 2.70 2.64 -12.69
CA THR B 337 1.63 1.79 -12.16
C THR B 337 1.55 1.73 -10.63
N TYR B 338 2.71 1.65 -9.97
CA TYR B 338 2.77 1.65 -8.52
C TYR B 338 4.00 2.41 -8.06
N GLY B 339 4.03 2.78 -6.79
CA GLY B 339 5.21 3.40 -6.25
C GLY B 339 6.21 2.25 -6.10
N ILE B 340 5.76 1.18 -5.44
CA ILE B 340 6.58 0.00 -5.20
C ILE B 340 5.70 -1.22 -5.48
N GLN B 341 6.20 -2.17 -6.26
CA GLN B 341 5.42 -3.37 -6.57
C GLN B 341 6.22 -4.67 -6.55
N GLU B 342 5.67 -5.66 -5.84
CA GLU B 342 6.26 -6.99 -5.81
C GLU B 342 5.44 -7.84 -6.77
N ARG B 343 6.09 -8.71 -7.52
CA ARG B 343 5.35 -9.63 -8.36
C ARG B 343 4.94 -10.78 -7.47
N ASN B 344 3.91 -11.51 -7.87
CA ASN B 344 3.45 -12.65 -7.10
C ASN B 344 4.21 -13.87 -7.61
N ASP B 345 5.52 -13.85 -7.38
CA ASP B 345 6.39 -14.92 -7.86
C ASP B 345 7.33 -15.45 -6.78
N GLY B 346 6.95 -15.28 -5.53
CA GLY B 346 7.81 -15.74 -4.44
C GLY B 346 8.57 -14.62 -3.76
N THR B 347 8.65 -13.46 -4.42
CA THR B 347 9.35 -12.32 -3.82
C THR B 347 8.72 -12.09 -2.45
N ASP B 348 9.54 -12.06 -1.40
CA ASP B 348 9.02 -11.96 -0.05
C ASP B 348 9.98 -11.20 0.89
N TYR B 349 9.54 -11.00 2.12
CA TYR B 349 10.34 -10.31 3.12
C TYR B 349 10.83 -8.92 2.70
N SER B 350 9.98 -8.17 2.02
CA SER B 350 10.34 -6.81 1.66
C SER B 350 9.92 -5.97 2.85
N SER B 351 10.73 -4.96 3.17
CA SER B 351 10.44 -4.07 4.27
C SER B 351 10.43 -2.64 3.74
N LEU B 352 9.24 -2.08 3.55
CA LEU B 352 9.13 -0.71 3.07
C LEU B 352 9.01 0.16 4.30
N ILE B 353 10.04 0.97 4.55
CA ILE B 353 10.11 1.80 5.74
C ILE B 353 10.28 3.29 5.49
N ASP B 354 9.35 4.09 6.03
CA ASP B 354 9.38 5.55 5.91
C ASP B 354 9.60 6.03 4.48
N ASN B 355 8.79 5.54 3.56
CA ASN B 355 8.90 5.97 2.18
C ASN B 355 7.77 6.96 1.87
N ASP B 356 8.10 8.05 1.19
CA ASP B 356 7.08 8.99 0.74
C ASP B 356 6.71 8.56 -0.68
N ILE B 357 5.43 8.32 -0.91
CA ILE B 357 4.93 7.89 -2.22
C ILE B 357 3.76 8.75 -2.67
N ALA B 358 3.83 9.24 -3.90
CA ALA B 358 2.79 10.09 -4.47
C ALA B 358 2.80 10.07 -5.99
N GLY B 359 1.75 10.61 -6.59
CA GLY B 359 1.68 10.70 -8.04
C GLY B 359 1.78 9.39 -8.78
N VAL B 360 1.22 8.33 -8.22
CA VAL B 360 1.24 7.02 -8.87
C VAL B 360 -0.18 6.47 -8.95
N GLN B 361 -0.43 5.58 -9.90
CA GLN B 361 -1.74 4.98 -10.07
C GLN B 361 -2.21 4.27 -8.80
N GLN B 362 -1.30 3.55 -8.15
CA GLN B 362 -1.58 2.88 -6.88
C GLN B 362 -0.31 3.01 -6.03
N PRO B 363 -0.47 3.23 -4.72
CA PRO B 363 0.71 3.38 -3.86
C PRO B 363 1.63 2.15 -3.81
N ILE B 364 1.13 1.05 -3.28
CA ILE B 364 1.94 -0.15 -3.09
C ILE B 364 1.21 -1.45 -3.44
N GLN B 365 1.95 -2.40 -3.99
CA GLN B 365 1.42 -3.74 -4.26
C GLN B 365 2.38 -4.77 -3.70
N LEU B 366 1.95 -5.45 -2.65
CA LEU B 366 2.77 -6.50 -2.03
C LEU B 366 2.10 -7.85 -2.20
N TYR B 367 2.91 -8.88 -2.41
CA TYR B 367 2.42 -10.24 -2.53
C TYR B 367 3.15 -11.17 -1.58
N GLY B 368 4.27 -10.70 -1.04
CA GLY B 368 5.02 -11.52 -0.09
C GLY B 368 4.30 -11.63 1.23
N PRO B 369 3.91 -12.85 1.65
CA PRO B 369 3.20 -13.05 2.92
C PRO B 369 3.95 -12.45 4.12
N HIS B 370 5.26 -12.30 3.96
CA HIS B 370 6.08 -11.77 5.04
C HIS B 370 6.60 -10.37 4.78
N SER B 371 6.15 -9.75 3.70
CA SER B 371 6.56 -8.38 3.39
C SER B 371 5.79 -7.43 4.31
N THR B 372 6.38 -6.29 4.63
CA THR B 372 5.74 -5.34 5.52
C THR B 372 5.88 -3.89 5.06
N VAL B 373 5.00 -3.03 5.58
CA VAL B 373 5.04 -1.61 5.29
C VAL B 373 4.97 -0.90 6.64
N SER B 374 5.82 0.12 6.83
CA SER B 374 5.82 0.85 8.10
C SER B 374 6.17 2.31 7.89
N GLY B 375 5.97 3.10 8.94
CA GLY B 375 6.23 4.53 8.86
C GLY B 375 5.03 5.33 9.34
N GLU B 376 5.29 6.54 9.83
CA GLU B 376 4.22 7.41 10.31
C GLU B 376 3.28 7.79 9.18
N PRO B 377 1.98 7.56 9.37
CA PRO B 377 0.96 7.88 8.36
C PRO B 377 1.03 9.32 7.88
CA CA C . -33.22 2.01 34.88
C1 GOL D . -30.01 7.94 21.35
O1 GOL D . -31.47 8.10 22.02
C2 GOL D . -29.09 8.99 21.12
O2 GOL D . -28.53 9.42 22.26
C3 GOL D . -29.06 9.22 19.92
O3 GOL D . -29.35 9.14 18.39
CA CA E . 47.03 -8.70 -17.64
#